data_3MES
#
_entry.id   3MES
#
_cell.length_a   170.091
_cell.length_b   67.957
_cell.length_c   92.109
_cell.angle_alpha   90.00
_cell.angle_beta   116.54
_cell.angle_gamma   90.00
#
_symmetry.space_group_name_H-M   'C 1 2 1'
#
loop_
_entity.id
_entity.type
_entity.pdbx_description
1 polymer 'Choline kinase'
2 non-polymer "ADENOSINE-5'-DIPHOSPHATE"
3 non-polymer 'MAGNESIUM ION'
4 non-polymer 'DECAMETHONIUM ION'
5 non-polymer 'N-PROPYL-TARTRAMIC ACID'
6 non-polymer GLYCEROL
7 water water
#
_entity_poly.entity_id   1
_entity_poly.type   'polypeptide(L)'
_entity_poly.pdbx_seq_one_letter_code
;MGSSHHHHHHSSGLVPRGSKKKKEMPFPNKKIELGDKLSESIRSFSTITDTEIIIGICRKNIPGWKEINESYIEVKQIFS
GLTNQLFVVSIVNESMSLSLKHPRILFRIYGKHVGKFYDSKVELDVFRYLSNINIAPNIIADFPEGRIEEFIDGEPLTTK
QLQLTHICVEVAKNMGSLHIINSKRADFPSRFDKEPILFKRIYLWREEAKIQVSKNNFQIDKELYSKILEEIDQLEELIM
GGEKFSMERALELKLYSPAFSLVFAHNDLQENNLLQTQNNIRMIDYEYSAINFAGADIANYFCEYIYDYCSEKQPYFKFK
YEDYPCEELRKLFISVYLSQTLQEQVMPSQQIVHIMTKAVEVFTLISHITWGLWSIARTPGYQPNSVEFDFTEYANTRFT
HYLQKKKELIDQGILPLNSWLFNL
;
_entity_poly.pdbx_strand_id   A,B
#
# COMPACT_ATOMS: atom_id res chain seq x y z
N ASP A 50 -18.36 7.24 33.45
CA ASP A 50 -19.25 8.44 33.48
C ASP A 50 -19.05 9.31 32.25
N THR A 51 -20.09 9.41 31.43
CA THR A 51 -20.02 10.16 30.17
C THR A 51 -19.48 11.58 30.37
N GLU A 52 -20.13 12.34 31.25
CA GLU A 52 -19.76 13.73 31.47
C GLU A 52 -18.24 13.91 31.71
N ILE A 53 -17.65 13.01 32.48
CA ILE A 53 -16.24 13.12 32.81
C ILE A 53 -15.35 12.92 31.59
N ILE A 54 -15.73 11.98 30.73
CA ILE A 54 -15.00 11.71 29.50
C ILE A 54 -15.06 12.90 28.55
N ILE A 55 -16.23 13.52 28.49
CA ILE A 55 -16.46 14.66 27.59
C ILE A 55 -15.71 15.90 28.07
N GLY A 56 -15.60 16.06 29.39
CA GLY A 56 -14.86 17.17 29.96
C GLY A 56 -13.39 17.07 29.59
N ILE A 57 -12.82 15.89 29.79
CA ILE A 57 -11.43 15.63 29.44
C ILE A 57 -11.18 15.80 27.94
N CYS A 58 -12.18 15.45 27.13
CA CYS A 58 -12.06 15.53 25.67
C CYS A 58 -12.11 16.97 25.16
N ARG A 59 -13.11 17.72 25.62
CA ARG A 59 -13.28 19.10 25.20
C ARG A 59 -12.08 19.95 25.62
N LYS A 60 -11.53 19.63 26.79
CA LYS A 60 -10.46 20.42 27.38
C LYS A 60 -9.09 20.14 26.75
N ASN A 61 -8.91 18.95 26.20
CA ASN A 61 -7.60 18.52 25.72
C ASN A 61 -7.48 18.30 24.22
N ILE A 62 -8.60 18.06 23.56
CA ILE A 62 -8.60 17.85 22.12
C ILE A 62 -8.72 19.17 21.37
N PRO A 63 -7.67 19.53 20.60
CA PRO A 63 -7.68 20.76 19.82
C PRO A 63 -8.99 20.95 19.06
N GLY A 64 -9.61 22.11 19.22
CA GLY A 64 -10.83 22.44 18.49
C GLY A 64 -12.12 22.04 19.19
N TRP A 65 -12.01 21.19 20.21
CA TRP A 65 -13.19 20.67 20.91
C TRP A 65 -13.64 21.59 22.03
N LYS A 66 -12.80 22.56 22.38
CA LYS A 66 -13.08 23.46 23.50
C LYS A 66 -14.49 24.04 23.53
N GLU A 67 -14.94 24.59 22.41
CA GLU A 67 -16.22 25.30 22.37
C GLU A 67 -17.38 24.47 21.82
N ILE A 68 -17.13 23.21 21.49
CA ILE A 68 -18.19 22.33 20.99
C ILE A 68 -19.16 21.96 22.10
N ASN A 69 -20.46 22.18 21.86
CA ASN A 69 -21.49 21.85 22.83
C ASN A 69 -21.53 20.36 23.14
N GLU A 70 -21.78 20.03 24.41
CA GLU A 70 -21.79 18.64 24.84
C GLU A 70 -22.80 17.77 24.07
N SER A 71 -23.88 18.39 23.60
CA SER A 71 -24.94 17.65 22.93
C SER A 71 -24.52 17.13 21.55
N TYR A 72 -23.35 17.56 21.09
CA TYR A 72 -22.86 17.13 19.79
C TYR A 72 -21.83 16.03 19.90
N ILE A 73 -21.55 15.62 21.13
CA ILE A 73 -20.57 14.58 21.41
C ILE A 73 -21.27 13.31 21.87
N GLU A 74 -20.91 12.17 21.28
CA GLU A 74 -21.42 10.89 21.75
C GLU A 74 -20.29 9.98 22.20
N VAL A 75 -20.43 9.44 23.41
CA VAL A 75 -19.47 8.50 23.95
C VAL A 75 -20.08 7.10 23.93
N LYS A 76 -19.49 6.20 23.15
CA LYS A 76 -19.97 4.82 23.12
C LYS A 76 -18.83 3.83 23.38
N GLN A 77 -18.96 3.09 24.48
CA GLN A 77 -17.95 2.14 24.89
C GLN A 77 -17.97 0.90 23.98
N ILE A 78 -16.79 0.43 23.63
CA ILE A 78 -16.68 -0.80 22.85
C ILE A 78 -16.10 -1.89 23.75
N PHE A 79 -16.49 -3.13 23.48
CA PHE A 79 -16.13 -4.23 24.38
C PHE A 79 -15.33 -5.32 23.68
N SER A 80 -14.88 -5.02 22.46
CA SER A 80 -14.07 -5.96 21.70
C SER A 80 -12.73 -6.23 22.40
N GLY A 81 -12.32 -5.29 23.24
CA GLY A 81 -11.02 -5.36 23.91
C GLY A 81 -10.95 -6.46 24.96
N LEU A 82 -9.83 -6.53 25.66
CA LEU A 82 -9.57 -7.64 26.58
C LEU A 82 -9.11 -7.18 27.96
N THR A 83 -8.64 -5.95 28.07
CA THR A 83 -8.07 -5.45 29.33
C THR A 83 -8.58 -4.07 29.75
N ASN A 84 -8.55 -3.12 28.82
CA ASN A 84 -8.85 -1.72 29.13
C ASN A 84 -10.27 -1.31 28.77
N GLN A 85 -10.67 -0.14 29.24
CA GLN A 85 -11.98 0.42 28.92
C GLN A 85 -11.84 1.38 27.74
N LEU A 86 -12.39 0.99 26.59
CA LEU A 86 -12.25 1.77 25.38
C LEU A 86 -13.55 2.46 25.00
N PHE A 87 -13.45 3.71 24.55
CA PHE A 87 -14.62 4.48 24.14
C PHE A 87 -14.37 5.17 22.82
N VAL A 88 -15.38 5.19 21.95
CA VAL A 88 -15.30 5.93 20.71
C VAL A 88 -16.09 7.23 20.84
N VAL A 89 -15.38 8.34 21.01
CA VAL A 89 -16.03 9.63 21.19
C VAL A 89 -16.11 10.39 19.85
N SER A 90 -17.33 10.69 19.43
CA SER A 90 -17.55 11.31 18.13
C SER A 90 -18.35 12.60 18.21
N ILE A 91 -18.07 13.52 17.30
CA ILE A 91 -18.87 14.71 17.13
C ILE A 91 -19.96 14.41 16.11
N VAL A 92 -21.18 14.21 16.58
CA VAL A 92 -22.27 13.75 15.73
C VAL A 92 -22.81 14.81 14.76
N ASN A 93 -22.29 16.03 14.87
CA ASN A 93 -22.65 17.09 13.93
C ASN A 93 -21.62 17.21 12.82
N GLU A 94 -22.07 17.15 11.57
CA GLU A 94 -21.17 17.23 10.43
C GLU A 94 -20.56 18.63 10.29
N LEU A 100 -12.78 19.81 11.53
CA LEU A 100 -12.11 19.21 12.69
C LEU A 100 -11.07 18.19 12.25
N LYS A 101 -9.86 18.31 12.81
CA LYS A 101 -8.82 17.35 12.52
C LYS A 101 -9.17 16.00 13.16
N HIS A 102 -9.78 16.07 14.35
CA HIS A 102 -10.14 14.87 15.10
C HIS A 102 -11.63 14.79 15.42
N PRO A 103 -12.45 14.46 14.40
CA PRO A 103 -13.89 14.34 14.56
C PRO A 103 -14.25 13.09 15.37
N ARG A 104 -13.32 12.15 15.46
CA ARG A 104 -13.51 10.94 16.25
C ARG A 104 -12.20 10.57 16.93
N ILE A 105 -12.27 10.22 18.21
CA ILE A 105 -11.09 9.82 18.96
C ILE A 105 -11.33 8.51 19.69
N LEU A 106 -10.25 7.91 20.19
CA LEU A 106 -10.36 6.71 21.01
C LEU A 106 -9.95 7.02 22.44
N PHE A 107 -10.91 6.90 23.36
CA PHE A 107 -10.65 7.16 24.77
C PHE A 107 -10.27 5.85 25.46
N ARG A 108 -9.03 5.76 25.92
CA ARG A 108 -8.54 4.53 26.53
C ARG A 108 -8.25 4.72 28.02
N ILE A 109 -8.93 3.92 28.84
CA ILE A 109 -8.69 3.93 30.28
C ILE A 109 -7.97 2.64 30.68
N TYR A 110 -6.78 2.79 31.25
CA TYR A 110 -5.96 1.63 31.60
C TYR A 110 -6.60 0.78 32.69
N GLY A 111 -6.75 -0.51 32.39
CA GLY A 111 -7.27 -1.45 33.37
C GLY A 111 -6.14 -2.25 33.99
N LYS A 112 -6.49 -3.17 34.88
CA LYS A 112 -5.49 -4.05 35.48
C LYS A 112 -5.31 -5.29 34.61
N HIS A 113 -4.08 -5.53 34.17
CA HIS A 113 -3.79 -6.63 33.26
C HIS A 113 -3.62 -7.95 34.00
N VAL A 114 -4.01 -9.05 33.35
CA VAL A 114 -3.94 -10.36 33.97
C VAL A 114 -2.49 -10.79 34.23
N LYS A 116 1.22 -12.36 35.63
CA LYS A 116 2.19 -12.40 36.71
C LYS A 116 3.46 -11.62 36.36
N PHE A 117 3.96 -11.81 35.14
CA PHE A 117 5.18 -11.16 34.70
C PHE A 117 4.90 -9.99 33.74
N TYR A 118 3.65 -9.52 33.74
CA TYR A 118 3.26 -8.43 32.86
C TYR A 118 3.90 -7.10 33.28
N ASP A 119 4.41 -6.36 32.30
CA ASP A 119 5.03 -5.06 32.57
C ASP A 119 4.33 -3.96 31.78
N SER A 120 3.49 -3.19 32.49
CA SER A 120 2.71 -2.13 31.88
C SER A 120 3.57 -0.92 31.49
N LYS A 121 4.63 -0.69 32.25
CA LYS A 121 5.49 0.47 32.02
C LYS A 121 6.25 0.38 30.70
N VAL A 122 6.73 -0.82 30.38
CA VAL A 122 7.50 -1.03 29.16
C VAL A 122 6.62 -0.95 27.92
N GLU A 123 5.38 -1.42 28.04
CA GLU A 123 4.43 -1.37 26.93
C GLU A 123 4.08 0.08 26.58
N LEU A 124 3.74 0.85 27.61
CA LEU A 124 3.43 2.26 27.43
C LEU A 124 4.62 3.00 26.82
N ASP A 125 5.80 2.71 27.35
CA ASP A 125 7.03 3.31 26.86
C ASP A 125 7.20 3.06 25.37
N VAL A 126 6.96 1.82 24.94
CA VAL A 126 7.11 1.44 23.55
C VAL A 126 6.02 2.04 22.66
N PHE A 127 4.81 2.10 23.18
CA PHE A 127 3.70 2.64 22.40
C PHE A 127 3.89 4.11 22.09
N ARG A 128 4.33 4.88 23.09
CA ARG A 128 4.51 6.31 22.92
C ARG A 128 5.53 6.61 21.83
N TYR A 129 6.62 5.84 21.82
CA TYR A 129 7.63 6.01 20.79
C TYR A 129 7.04 5.74 19.40
N LEU A 130 6.37 4.59 19.26
CA LEU A 130 5.72 4.24 18.00
C LEU A 130 4.73 5.32 17.56
N SER A 131 3.98 5.85 18.52
CA SER A 131 3.03 6.91 18.26
C SER A 131 3.75 8.16 17.77
N ASN A 132 4.89 8.46 18.39
CA ASN A 132 5.66 9.65 18.06
C ASN A 132 6.30 9.62 16.66
N ILE A 133 6.74 8.44 16.23
CA ILE A 133 7.31 8.31 14.89
C ILE A 133 6.22 7.97 13.88
N ASN A 134 4.96 8.10 14.32
CA ASN A 134 3.81 8.09 13.42
C ASN A 134 3.44 6.75 12.81
N ILE A 135 3.86 5.66 13.45
CA ILE A 135 3.44 4.34 13.00
C ILE A 135 2.16 3.91 13.72
N ALA A 136 2.15 4.03 15.04
CA ALA A 136 0.97 3.72 15.85
C ALA A 136 0.01 4.91 15.89
N PRO A 137 -1.22 4.67 16.34
CA PRO A 137 -2.22 5.75 16.41
C PRO A 137 -1.66 6.95 17.16
N ASN A 138 -1.96 8.15 16.68
CA ASN A 138 -1.47 9.36 17.31
C ASN A 138 -2.04 9.54 18.72
N ILE A 139 -1.21 10.09 19.62
CA ILE A 139 -1.65 10.42 20.96
C ILE A 139 -2.01 11.90 21.03
N ILE A 140 -3.27 12.20 21.36
CA ILE A 140 -3.71 13.58 21.46
C ILE A 140 -3.53 14.09 22.88
N ALA A 141 -3.67 13.20 23.85
CA ALA A 141 -3.49 13.54 25.26
C ALA A 141 -3.05 12.30 26.03
N ASP A 142 -2.03 12.46 26.87
CA ASP A 142 -1.41 11.33 27.56
C ASP A 142 -1.34 11.54 29.06
N PHE A 143 -2.12 10.77 29.81
CA PHE A 143 -2.10 10.84 31.27
C PHE A 143 -1.93 9.47 31.93
N PRO A 144 -1.65 9.47 33.24
CA PRO A 144 -1.32 8.26 33.99
C PRO A 144 -2.42 7.19 33.95
N GLU A 145 -3.69 7.62 33.94
CA GLU A 145 -4.79 6.67 33.95
C GLU A 145 -5.37 6.36 32.56
N GLY A 146 -4.81 6.97 31.52
CA GLY A 146 -5.27 6.70 30.16
C GLY A 146 -4.77 7.67 29.10
N ARG A 147 -5.24 7.48 27.87
CA ARG A 147 -4.85 8.32 26.74
C ARG A 147 -6.05 8.74 25.93
N ILE A 148 -5.86 9.75 25.09
CA ILE A 148 -6.80 10.05 24.02
C ILE A 148 -6.11 9.75 22.70
N GLU A 149 -6.57 8.71 22.01
CA GLU A 149 -5.94 8.29 20.76
C GLU A 149 -6.69 8.80 19.54
N GLU A 150 -5.94 9.02 18.46
CA GLU A 150 -6.53 9.26 17.16
C GLU A 150 -7.33 8.02 16.76
N PHE A 151 -8.58 8.21 16.36
CA PHE A 151 -9.40 7.07 15.96
C PHE A 151 -9.16 6.68 14.51
N ILE A 152 -8.53 5.53 14.31
CA ILE A 152 -8.29 5.01 12.98
C ILE A 152 -9.59 4.46 12.40
N ASP A 153 -10.30 5.26 11.63
CA ASP A 153 -11.58 4.80 11.10
C ASP A 153 -11.42 3.96 9.84
N GLY A 154 -11.63 2.66 10.00
CA GLY A 154 -11.58 1.69 8.92
C GLY A 154 -12.09 0.37 9.46
N GLU A 155 -12.44 -0.54 8.55
CA GLU A 155 -12.92 -1.85 8.95
C GLU A 155 -11.77 -2.83 9.08
N PRO A 156 -11.84 -3.72 10.09
CA PRO A 156 -10.83 -4.76 10.24
C PRO A 156 -10.85 -5.70 9.04
N LEU A 157 -9.69 -6.23 8.67
CA LEU A 157 -9.62 -7.25 7.64
C LEU A 157 -10.30 -8.51 8.13
N THR A 158 -10.70 -9.37 7.21
CA THR A 158 -11.27 -10.65 7.58
C THR A 158 -10.19 -11.71 7.39
N THR A 159 -10.38 -12.86 8.01
CA THR A 159 -9.45 -13.96 7.86
C THR A 159 -9.29 -14.33 6.39
N LYS A 160 -10.39 -14.32 5.65
CA LYS A 160 -10.35 -14.68 4.23
C LYS A 160 -9.59 -13.65 3.41
N GLN A 161 -9.72 -12.39 3.77
CA GLN A 161 -9.09 -11.31 3.01
C GLN A 161 -7.59 -11.43 2.93
N LEU A 162 -6.99 -12.11 3.91
CA LEU A 162 -5.54 -12.27 3.93
C LEU A 162 -5.05 -13.04 2.70
N GLN A 163 -5.95 -13.82 2.10
CA GLN A 163 -5.62 -14.63 0.92
C GLN A 163 -5.45 -13.74 -0.30
N LEU A 164 -6.06 -12.56 -0.25
CA LEU A 164 -6.04 -11.63 -1.38
C LEU A 164 -4.65 -11.03 -1.55
N THR A 165 -4.03 -11.31 -2.70
CA THR A 165 -2.66 -10.90 -2.97
C THR A 165 -2.39 -9.42 -2.68
N HIS A 166 -3.24 -8.54 -3.21
CA HIS A 166 -3.03 -7.10 -3.03
C HIS A 166 -3.04 -6.70 -1.56
N ILE A 167 -3.87 -7.37 -0.76
CA ILE A 167 -3.89 -7.13 0.67
C ILE A 167 -2.64 -7.71 1.32
N CYS A 168 -2.23 -8.89 0.86
CA CYS A 168 -1.09 -9.58 1.44
C CYS A 168 0.20 -8.77 1.35
N VAL A 169 0.40 -8.10 0.23
CA VAL A 169 1.66 -7.37 -0.01
C VAL A 169 1.71 -6.00 0.65
N GLU A 170 0.56 -5.42 1.00
CA GLU A 170 0.57 -4.17 1.72
C GLU A 170 1.00 -4.38 3.17
N VAL A 171 0.55 -5.49 3.75
CA VAL A 171 0.94 -5.82 5.12
C VAL A 171 2.43 -6.16 5.20
N ALA A 172 2.93 -6.87 4.19
CA ALA A 172 4.36 -7.18 4.12
C ALA A 172 5.17 -5.88 4.04
N LYS A 173 4.66 -4.94 3.27
CA LYS A 173 5.29 -3.62 3.14
C LYS A 173 5.24 -2.88 4.48
N ASN A 174 4.06 -2.85 5.08
CA ASN A 174 3.87 -2.22 6.38
C ASN A 174 4.72 -2.87 7.47
N MET A 175 4.83 -4.19 7.43
CA MET A 175 5.63 -4.91 8.41
C MET A 175 7.10 -4.52 8.26
N GLY A 176 7.54 -4.41 7.02
CA GLY A 176 8.92 -4.03 6.73
C GLY A 176 9.29 -2.65 7.25
N SER A 177 8.37 -1.70 7.11
CA SER A 177 8.59 -0.33 7.59
C SER A 177 8.75 -0.31 9.10
N LEU A 178 7.98 -1.15 9.78
CA LEU A 178 8.02 -1.25 11.23
C LEU A 178 9.31 -1.96 11.68
N HIS A 179 9.69 -3.00 10.95
CA HIS A 179 10.83 -3.84 11.29
C HIS A 179 12.18 -3.11 11.29
N ILE A 180 12.36 -2.16 10.37
CA ILE A 180 13.66 -1.51 10.19
C ILE A 180 13.95 -0.37 11.16
N ILE A 181 12.98 -0.02 12.01
CA ILE A 181 13.13 1.15 12.89
C ILE A 181 14.27 1.03 13.90
N ASN A 182 14.67 -0.20 14.21
CA ASN A 182 15.75 -0.42 15.17
C ASN A 182 17.14 -0.24 14.57
N SER A 183 17.24 -0.26 13.24
CA SER A 183 18.53 -0.11 12.59
C SER A 183 18.64 1.17 11.75
N LYS A 184 17.52 1.67 11.27
CA LYS A 184 17.54 2.82 10.37
C LYS A 184 16.99 4.11 10.98
N ARG A 185 16.84 4.13 12.30
CA ARG A 185 16.34 5.33 12.98
C ARG A 185 17.25 5.78 14.12
N ALA A 186 17.81 6.97 13.98
CA ALA A 186 18.70 7.52 14.99
C ALA A 186 18.02 7.69 16.34
N ASP A 187 16.71 7.95 16.31
CA ASP A 187 15.96 8.20 17.54
C ASP A 187 15.41 6.93 18.21
N PHE A 188 15.82 5.77 17.71
CA PHE A 188 15.37 4.52 18.31
C PHE A 188 15.91 4.39 19.74
N PRO A 189 15.00 4.23 20.71
CA PRO A 189 15.39 4.21 22.12
C PRO A 189 16.40 3.12 22.45
N SER A 190 17.53 3.51 23.03
CA SER A 190 18.58 2.58 23.40
C SER A 190 18.13 1.66 24.52
N ARG A 191 17.11 2.08 25.26
CA ARG A 191 16.64 1.36 26.44
C ARG A 191 15.76 0.15 26.12
N PHE A 192 15.38 0.00 24.85
CA PHE A 192 14.58 -1.15 24.46
C PHE A 192 15.48 -2.38 24.27
N ASP A 193 15.09 -3.48 24.89
CA ASP A 193 15.85 -4.72 24.79
C ASP A 193 16.32 -4.95 23.35
N LYS A 194 17.61 -5.27 23.20
CA LYS A 194 18.18 -5.51 21.88
C LYS A 194 18.14 -6.99 21.52
N GLU A 195 17.76 -7.82 22.49
CA GLU A 195 17.64 -9.26 22.26
C GLU A 195 16.24 -9.63 21.82
N PRO A 196 16.12 -10.69 21.00
CA PRO A 196 14.80 -11.20 20.60
C PRO A 196 14.02 -11.66 21.82
N ILE A 197 12.69 -11.67 21.72
CA ILE A 197 11.86 -12.01 22.86
C ILE A 197 11.24 -13.39 22.78
N LEU A 198 11.34 -14.02 21.60
CA LEU A 198 10.61 -15.26 21.35
C LEU A 198 10.74 -16.30 22.47
N PHE A 199 11.98 -16.55 22.90
CA PHE A 199 12.22 -17.56 23.92
C PHE A 199 11.85 -17.07 25.32
N LYS A 200 12.35 -15.90 25.71
CA LYS A 200 12.00 -15.34 26.99
C LYS A 200 10.49 -15.43 27.22
N ARG A 201 9.73 -15.05 26.18
CA ARG A 201 8.28 -15.03 26.26
C ARG A 201 7.71 -16.42 26.44
N ILE A 202 8.17 -17.36 25.63
CA ILE A 202 7.73 -18.75 25.74
C ILE A 202 7.99 -19.30 27.14
N TYR A 203 9.17 -19.01 27.68
CA TYR A 203 9.51 -19.48 29.02
C TYR A 203 8.66 -18.78 30.08
N LEU A 204 8.54 -17.46 29.94
CA LEU A 204 7.78 -16.67 30.90
C LEU A 204 6.32 -17.12 30.97
N TRP A 205 5.73 -17.34 29.79
CA TRP A 205 4.32 -17.72 29.72
C TRP A 205 4.11 -19.20 30.07
N ARG A 206 5.15 -20.01 29.86
CA ARG A 206 5.08 -21.40 30.28
C ARG A 206 4.85 -21.48 31.78
N GLU A 207 5.52 -20.61 32.52
CA GLU A 207 5.40 -20.57 33.98
C GLU A 207 4.07 -20.00 34.43
N GLU A 208 3.52 -19.07 33.64
CA GLU A 208 2.20 -18.54 33.94
C GLU A 208 1.14 -19.62 33.69
N ALA A 209 1.43 -20.50 32.74
CA ALA A 209 0.54 -21.61 32.43
C ALA A 209 0.55 -22.64 33.56
N LYS A 210 1.74 -23.07 33.94
CA LYS A 210 1.89 -23.94 35.10
C LYS A 210 0.93 -23.52 36.21
N ILE A 211 1.07 -22.27 36.64
CA ILE A 211 0.23 -21.71 37.71
C ILE A 211 -1.25 -21.99 37.45
N GLN A 212 -1.75 -21.56 36.29
CA GLN A 212 -3.16 -21.71 35.96
C GLN A 212 -3.60 -23.17 35.96
N VAL A 213 -2.79 -24.04 35.38
CA VAL A 213 -3.10 -25.46 35.33
C VAL A 213 -3.30 -26.00 36.75
N SER A 214 -2.35 -25.69 37.63
CA SER A 214 -2.43 -26.14 39.01
C SER A 214 -3.70 -25.61 39.67
N LYS A 215 -4.15 -24.44 39.25
CA LYS A 215 -5.40 -23.88 39.73
C LYS A 215 -6.54 -24.86 39.41
N ASN A 216 -6.25 -25.77 38.49
CA ASN A 216 -7.17 -26.86 38.16
C ASN A 216 -8.63 -26.43 38.07
N ASN A 217 -8.95 -25.64 37.05
CA ASN A 217 -10.32 -25.17 36.83
C ASN A 217 -10.67 -25.08 35.36
N ILE A 220 -8.59 -29.09 30.20
CA ILE A 220 -7.44 -29.07 29.30
C ILE A 220 -6.98 -30.48 28.95
N ASP A 221 -6.19 -30.60 27.88
CA ASP A 221 -5.69 -31.91 27.46
C ASP A 221 -4.30 -32.17 28.01
N LYS A 222 -4.23 -33.00 29.04
CA LYS A 222 -2.99 -33.23 29.78
C LYS A 222 -1.96 -34.01 28.97
N GLU A 223 -2.41 -34.79 27.99
CA GLU A 223 -1.51 -35.57 27.17
C GLU A 223 -0.77 -34.69 26.18
N LEU A 224 -1.50 -33.75 25.58
CA LEU A 224 -0.93 -32.81 24.62
C LEU A 224 -0.07 -31.80 25.37
N TYR A 225 -0.67 -31.15 26.36
CA TYR A 225 0.03 -30.19 27.20
C TYR A 225 1.38 -30.72 27.65
N SER A 226 1.40 -31.99 28.05
CA SER A 226 2.62 -32.61 28.56
C SER A 226 3.66 -32.79 27.46
N LYS A 227 3.19 -33.21 26.28
CA LYS A 227 4.06 -33.37 25.13
C LYS A 227 4.66 -32.02 24.72
N ILE A 228 3.85 -30.98 24.82
CA ILE A 228 4.27 -29.63 24.47
C ILE A 228 5.38 -29.13 25.38
N LEU A 229 5.28 -29.44 26.67
CA LEU A 229 6.30 -29.05 27.63
C LEU A 229 7.64 -29.72 27.31
N GLU A 230 7.59 -30.96 26.84
CA GLU A 230 8.80 -31.68 26.46
C GLU A 230 9.45 -31.08 25.22
N GLU A 231 8.61 -30.65 24.28
CA GLU A 231 9.10 -30.08 23.02
C GLU A 231 9.81 -28.75 23.25
N ILE A 232 9.35 -27.99 24.24
CA ILE A 232 9.94 -26.69 24.54
C ILE A 232 11.44 -26.78 24.82
N ASP A 233 11.84 -27.79 25.58
CA ASP A 233 13.25 -27.97 25.92
C ASP A 233 14.13 -28.06 24.68
N GLN A 234 13.53 -28.47 23.56
CA GLN A 234 14.24 -28.64 22.31
C GLN A 234 14.13 -27.41 21.42
N LEU A 235 13.28 -26.48 21.81
CA LEU A 235 12.88 -25.37 20.95
C LEU A 235 14.04 -24.49 20.47
N GLU A 236 14.95 -24.15 21.38
CA GLU A 236 16.08 -23.29 21.02
C GLU A 236 16.97 -23.93 19.96
N GLU A 237 17.33 -25.20 20.17
CA GLU A 237 18.17 -25.92 19.22
C GLU A 237 17.50 -26.02 17.85
N LEU A 238 16.19 -26.24 17.84
CA LEU A 238 15.45 -26.38 16.60
C LEU A 238 15.47 -25.10 15.77
N ILE A 239 15.38 -23.95 16.45
CA ILE A 239 15.36 -22.66 15.79
C ILE A 239 16.76 -22.13 15.45
N MET A 240 17.76 -22.49 16.25
CA MET A 240 19.11 -22.00 16.02
C MET A 240 19.99 -23.02 15.30
N GLY A 241 19.37 -24.09 14.82
CA GLY A 241 20.07 -25.11 14.03
C GLY A 241 21.15 -25.89 14.77
N GLY A 242 20.76 -26.58 15.83
CA GLY A 242 21.68 -27.45 16.56
C GLY A 242 22.35 -26.82 17.76
N GLU A 243 22.18 -25.51 17.90
CA GLU A 243 22.76 -24.78 19.03
C GLU A 243 21.67 -24.14 19.86
N LYS A 244 21.98 -23.86 21.13
CA LYS A 244 21.08 -23.08 21.96
C LYS A 244 21.27 -21.62 21.58
N PHE A 245 20.37 -20.75 22.05
CA PHE A 245 20.42 -19.35 21.66
C PHE A 245 21.64 -18.61 22.20
N SER A 246 22.18 -17.73 21.38
CA SER A 246 23.21 -16.79 21.81
C SER A 246 23.17 -15.60 20.85
N MET A 247 23.68 -14.46 21.29
CA MET A 247 23.67 -13.28 20.43
C MET A 247 24.57 -13.47 19.23
N GLU A 248 25.70 -14.14 19.44
CA GLU A 248 26.65 -14.38 18.36
C GLU A 248 26.13 -15.46 17.41
N ARG A 249 25.41 -16.43 17.97
CA ARG A 249 24.77 -17.46 17.17
C ARG A 249 23.70 -16.82 16.30
N ALA A 250 23.10 -15.75 16.81
CA ALA A 250 22.06 -15.01 16.09
C ALA A 250 22.66 -14.17 14.98
N LEU A 251 23.77 -13.50 15.28
CA LEU A 251 24.49 -12.72 14.28
C LEU A 251 24.98 -13.61 13.15
N GLU A 252 25.38 -14.83 13.50
CA GLU A 252 25.84 -15.80 12.49
C GLU A 252 24.70 -16.23 11.58
N LEU A 253 23.55 -16.54 12.18
CA LEU A 253 22.38 -16.98 11.43
C LEU A 253 21.89 -15.94 10.43
N LYS A 254 21.94 -14.68 10.83
CA LYS A 254 21.50 -13.57 9.97
C LYS A 254 22.27 -13.55 8.65
N LEU A 255 23.55 -13.89 8.71
CA LEU A 255 24.38 -13.94 7.50
C LEU A 255 23.84 -14.93 6.47
N TYR A 256 22.98 -15.85 6.91
CA TYR A 256 22.45 -16.88 6.03
C TYR A 256 21.07 -16.54 5.47
N SER A 257 20.32 -15.73 6.21
CA SER A 257 18.99 -15.31 5.79
C SER A 257 18.45 -14.21 6.69
N PRO A 258 17.80 -13.20 6.09
CA PRO A 258 17.21 -12.13 6.88
C PRO A 258 16.08 -12.64 7.76
N ALA A 259 15.77 -13.93 7.63
CA ALA A 259 14.79 -14.55 8.51
C ALA A 259 15.26 -14.46 9.95
N PHE A 260 16.57 -14.46 10.14
CA PHE A 260 17.15 -14.40 11.48
C PHE A 260 17.60 -12.98 11.80
N SER A 261 17.13 -12.03 11.00
CA SER A 261 17.41 -10.62 11.23
C SER A 261 16.74 -10.14 12.51
N LEU A 262 17.45 -9.33 13.29
CA LEU A 262 16.87 -8.78 14.52
C LEU A 262 16.14 -7.46 14.23
N VAL A 263 14.82 -7.51 14.33
CA VAL A 263 14.00 -6.35 14.01
C VAL A 263 13.03 -6.03 15.14
N PHE A 264 12.35 -4.88 15.02
CA PHE A 264 11.30 -4.54 15.96
C PHE A 264 9.97 -5.08 15.45
N ALA A 265 9.55 -6.21 16.01
CA ALA A 265 8.39 -6.93 15.51
C ALA A 265 7.08 -6.53 16.18
N HIS A 266 5.99 -6.67 15.44
CA HIS A 266 4.65 -6.45 15.98
C HIS A 266 4.30 -7.58 16.95
N ASN A 267 4.49 -8.81 16.50
CA ASN A 267 4.32 -10.00 17.34
C ASN A 267 2.89 -10.47 17.56
N ASP A 268 1.93 -9.80 16.93
CA ASP A 268 0.54 -10.19 17.01
C ASP A 268 -0.24 -9.59 15.86
N LEU A 269 0.38 -9.56 14.69
CA LEU A 269 -0.21 -8.90 13.53
C LEU A 269 -1.28 -9.75 12.84
N GLN A 270 -2.39 -9.96 13.54
CA GLN A 270 -3.51 -10.71 12.98
C GLN A 270 -4.56 -9.80 12.34
N GLU A 271 -5.47 -10.39 11.57
CA GLU A 271 -6.39 -9.62 10.73
C GLU A 271 -7.15 -8.53 11.47
N ASN A 272 -7.51 -8.80 12.71
CA ASN A 272 -8.29 -7.83 13.49
C ASN A 272 -7.46 -6.60 13.88
N ASN A 273 -6.14 -6.72 13.78
CA ASN A 273 -5.24 -5.60 14.09
C ASN A 273 -4.79 -4.88 12.83
N LEU A 274 -5.41 -5.22 11.71
CA LEU A 274 -5.18 -4.55 10.45
C LEU A 274 -6.47 -3.87 9.98
N LEU A 275 -6.52 -2.55 10.09
CA LEU A 275 -7.72 -1.79 9.75
C LEU A 275 -7.59 -1.14 8.37
N GLN A 276 -8.61 -1.33 7.54
CA GLN A 276 -8.59 -0.79 6.19
C GLN A 276 -9.20 0.60 6.14
N THR A 277 -8.36 1.62 6.00
CA THR A 277 -8.85 2.98 5.83
C THR A 277 -9.09 3.24 4.34
N GLN A 278 -9.36 4.50 4.01
CA GLN A 278 -9.63 4.89 2.64
C GLN A 278 -8.46 4.59 1.72
N ASN A 279 -7.25 4.88 2.18
CA ASN A 279 -6.08 4.88 1.31
C ASN A 279 -5.00 3.87 1.70
N ASN A 280 -5.21 3.16 2.81
CA ASN A 280 -4.23 2.18 3.26
C ASN A 280 -4.71 1.31 4.41
N ILE A 281 -3.94 0.27 4.70
CA ILE A 281 -4.21 -0.63 5.82
C ILE A 281 -3.28 -0.27 6.98
N ARG A 282 -3.85 -0.02 8.15
CA ARG A 282 -3.07 0.38 9.31
C ARG A 282 -2.92 -0.74 10.33
N MET A 283 -1.78 -0.74 11.01
CA MET A 283 -1.54 -1.69 12.10
C MET A 283 -1.89 -1.07 13.43
N ILE A 284 -2.53 -1.85 14.29
CA ILE A 284 -2.84 -1.41 15.65
C ILE A 284 -2.48 -2.50 16.65
N ASP A 285 -2.69 -2.20 17.93
CA ASP A 285 -2.45 -3.17 19.01
C ASP A 285 -1.00 -3.61 19.08
N TYR A 286 -0.16 -2.78 19.71
CA TYR A 286 1.27 -3.05 19.79
C TYR A 286 1.69 -3.52 21.17
N GLU A 287 0.76 -4.12 21.92
CA GLU A 287 1.07 -4.51 23.29
C GLU A 287 2.02 -5.70 23.37
N TYR A 288 2.30 -6.33 22.23
CA TYR A 288 3.25 -7.44 22.20
C TYR A 288 4.49 -7.09 21.40
N SER A 289 4.54 -5.86 20.91
CA SER A 289 5.66 -5.44 20.08
C SER A 289 6.96 -5.39 20.86
N ALA A 290 8.04 -5.81 20.20
CA ALA A 290 9.37 -5.85 20.80
C ALA A 290 10.34 -6.52 19.84
N ILE A 291 11.63 -6.25 20.00
CA ILE A 291 12.63 -6.83 19.13
C ILE A 291 12.39 -8.34 19.02
N ASN A 292 12.70 -8.89 17.85
CA ASN A 292 12.53 -10.31 17.62
C ASN A 292 13.11 -10.70 16.27
N PHE A 293 13.24 -12.01 16.02
CA PHE A 293 13.64 -12.48 14.70
C PHE A 293 12.55 -12.11 13.69
N ALA A 294 12.95 -11.46 12.60
CA ALA A 294 11.99 -11.07 11.57
C ALA A 294 11.08 -12.23 11.18
N GLY A 295 11.66 -13.42 11.07
CA GLY A 295 10.92 -14.61 10.66
C GLY A 295 9.76 -14.96 11.58
N ALA A 296 9.96 -14.78 12.88
CA ALA A 296 8.92 -15.05 13.86
C ALA A 296 7.67 -14.21 13.62
N ASP A 297 7.87 -12.91 13.40
CA ASP A 297 6.77 -12.00 13.18
C ASP A 297 6.02 -12.38 11.90
N ILE A 298 6.80 -12.65 10.84
CA ILE A 298 6.23 -13.04 9.56
C ILE A 298 5.46 -14.36 9.66
N ALA A 299 6.07 -15.33 10.33
CA ALA A 299 5.46 -16.66 10.46
C ALA A 299 4.20 -16.61 11.30
N ASN A 300 4.10 -15.64 12.19
CA ASN A 300 2.90 -15.46 13.00
C ASN A 300 1.75 -14.95 12.15
N TYR A 301 2.04 -13.94 11.33
CA TYR A 301 1.06 -13.44 10.40
C TYR A 301 0.53 -14.57 9.52
N PHE A 302 1.44 -15.38 8.96
CA PHE A 302 1.05 -16.51 8.13
C PHE A 302 0.10 -17.45 8.86
N CYS A 303 0.40 -17.75 10.12
CA CYS A 303 -0.42 -18.67 10.89
C CYS A 303 -1.85 -18.17 11.06
N GLU A 304 -2.01 -16.86 11.22
CA GLU A 304 -3.34 -16.28 11.42
C GLU A 304 -4.26 -16.51 10.24
N TYR A 305 -3.70 -16.94 9.11
CA TYR A 305 -4.50 -17.32 7.95
C TYR A 305 -5.43 -18.46 8.34
N ILE A 306 -5.00 -19.24 9.33
CA ILE A 306 -5.73 -20.43 9.74
C ILE A 306 -6.90 -20.14 10.68
N TYR A 307 -6.74 -19.13 11.53
CA TYR A 307 -7.69 -18.90 12.62
C TYR A 307 -8.58 -17.68 12.43
N ASP A 308 -9.89 -17.90 12.51
CA ASP A 308 -10.88 -16.84 12.38
C ASP A 308 -11.59 -16.64 13.72
N TYR A 309 -11.44 -15.45 14.29
CA TYR A 309 -11.99 -15.18 15.61
C TYR A 309 -13.37 -14.53 15.55
N CYS A 310 -13.94 -14.48 14.35
CA CYS A 310 -15.27 -13.92 14.15
C CYS A 310 -16.33 -15.00 14.08
N SER A 311 -16.58 -15.64 15.23
CA SER A 311 -17.59 -16.69 15.33
C SER A 311 -18.33 -16.50 16.65
N GLU A 312 -19.66 -16.65 16.62
CA GLU A 312 -20.46 -16.40 17.81
C GLU A 312 -21.01 -17.66 18.46
N LYS A 313 -20.45 -18.81 18.10
CA LYS A 313 -20.82 -20.07 18.72
C LYS A 313 -19.56 -20.77 19.25
N GLN A 314 -19.70 -21.55 20.31
CA GLN A 314 -18.56 -22.29 20.84
C GLN A 314 -17.81 -22.96 19.69
N PRO A 315 -16.47 -22.94 19.76
CA PRO A 315 -15.70 -22.32 20.84
C PRO A 315 -15.36 -20.87 20.53
N TYR A 316 -16.17 -20.23 19.68
CA TYR A 316 -15.99 -18.81 19.36
C TYR A 316 -14.76 -18.57 18.48
N PHE A 317 -14.43 -19.53 17.64
CA PHE A 317 -13.38 -19.37 16.65
C PHE A 317 -13.36 -20.56 15.69
N LYS A 318 -13.11 -20.29 14.42
CA LYS A 318 -13.04 -21.34 13.42
C LYS A 318 -11.61 -21.51 12.96
N PHE A 319 -11.27 -22.70 12.49
CA PHE A 319 -9.90 -22.97 12.06
C PHE A 319 -9.84 -23.92 10.86
N LYS A 320 -9.00 -23.56 9.91
CA LYS A 320 -8.74 -24.42 8.75
C LYS A 320 -7.25 -24.49 8.48
N TYR A 321 -6.65 -25.60 8.89
CA TYR A 321 -5.21 -25.79 8.72
C TYR A 321 -4.78 -25.65 7.27
N GLU A 322 -5.65 -26.05 6.35
CA GLU A 322 -5.32 -25.99 4.92
C GLU A 322 -5.28 -24.56 4.38
N ASP A 323 -5.82 -23.62 5.14
CA ASP A 323 -5.86 -22.24 4.69
C ASP A 323 -4.52 -21.53 4.87
N TYR A 324 -3.58 -22.20 5.53
CA TYR A 324 -2.23 -21.64 5.63
C TYR A 324 -1.81 -21.19 4.24
N PRO A 325 -1.23 -19.98 4.13
CA PRO A 325 -0.89 -19.43 2.82
C PRO A 325 -0.02 -20.38 2.00
N CYS A 326 -0.32 -20.49 0.71
CA CYS A 326 0.45 -21.34 -0.20
C CYS A 326 1.85 -20.77 -0.42
N GLU A 327 2.76 -21.62 -0.89
CA GLU A 327 4.16 -21.22 -1.04
C GLU A 327 4.32 -19.99 -1.92
N GLU A 328 3.57 -19.92 -3.01
CA GLU A 328 3.71 -18.79 -3.94
C GLU A 328 3.35 -17.46 -3.26
N LEU A 329 2.27 -17.48 -2.48
CA LEU A 329 1.86 -16.27 -1.76
C LEU A 329 2.89 -15.87 -0.73
N ARG A 330 3.37 -16.85 0.03
CA ARG A 330 4.39 -16.60 1.05
C ARG A 330 5.64 -15.97 0.44
N LYS A 331 6.03 -16.43 -0.74
CA LYS A 331 7.20 -15.87 -1.43
C LYS A 331 6.92 -14.46 -1.91
N LEU A 332 5.75 -14.25 -2.50
CA LEU A 332 5.34 -12.91 -2.88
C LEU A 332 5.47 -11.99 -1.68
N PHE A 333 5.02 -12.46 -0.53
CA PHE A 333 5.07 -11.68 0.70
C PHE A 333 6.49 -11.22 1.02
N ILE A 334 7.42 -12.17 1.10
CA ILE A 334 8.78 -11.85 1.55
C ILE A 334 9.58 -11.08 0.51
N SER A 335 9.20 -11.20 -0.76
CA SER A 335 9.84 -10.42 -1.81
C SER A 335 9.53 -8.94 -1.62
N VAL A 336 8.27 -8.64 -1.39
CA VAL A 336 7.85 -7.27 -1.11
C VAL A 336 8.43 -6.82 0.21
N TYR A 337 8.41 -7.72 1.20
CA TYR A 337 8.99 -7.42 2.49
C TYR A 337 10.45 -7.01 2.34
N LEU A 338 11.24 -7.89 1.74
CA LEU A 338 12.68 -7.66 1.57
C LEU A 338 12.98 -6.39 0.81
N SER A 339 12.21 -6.12 -0.24
CA SER A 339 12.39 -4.91 -1.03
C SER A 339 12.24 -3.67 -0.15
N GLN A 340 11.33 -3.76 0.81
CA GLN A 340 11.08 -2.66 1.74
C GLN A 340 12.23 -2.48 2.72
N THR A 341 12.65 -3.59 3.35
CA THR A 341 13.69 -3.54 4.36
C THR A 341 15.08 -3.30 3.76
N LEU A 342 15.32 -3.88 2.59
CA LEU A 342 16.61 -3.75 1.92
C LEU A 342 16.64 -2.56 0.96
N GLN A 343 15.46 -2.14 0.49
CA GLN A 343 15.39 -1.04 -0.45
C GLN A 343 16.04 -1.41 -1.78
N GLU A 344 15.74 -2.62 -2.26
CA GLU A 344 16.18 -3.03 -3.59
C GLU A 344 15.17 -3.96 -4.23
N GLN A 345 15.41 -4.30 -5.49
CA GLN A 345 14.46 -5.13 -6.22
C GLN A 345 14.62 -6.60 -5.87
N VAL A 346 13.76 -7.09 -4.99
CA VAL A 346 13.74 -8.50 -4.65
C VAL A 346 12.47 -9.14 -5.17
N MET A 347 12.60 -10.30 -5.80
CA MET A 347 11.47 -10.99 -6.39
C MET A 347 11.51 -12.48 -6.10
N PRO A 348 10.36 -13.15 -6.21
CA PRO A 348 10.23 -14.55 -5.84
C PRO A 348 11.28 -15.45 -6.48
N SER A 349 11.70 -15.13 -7.70
CA SER A 349 12.68 -15.94 -8.41
C SER A 349 13.98 -16.12 -7.63
N GLN A 350 14.41 -15.05 -6.98
CA GLN A 350 15.76 -14.98 -6.39
C GLN A 350 15.99 -15.95 -5.24
N GLN A 351 17.25 -16.35 -5.08
CA GLN A 351 17.64 -17.35 -4.08
C GLN A 351 17.40 -16.85 -2.65
N ILE A 352 17.68 -15.58 -2.40
CA ILE A 352 17.49 -15.01 -1.08
C ILE A 352 16.06 -15.25 -0.58
N VAL A 353 15.12 -15.28 -1.50
CA VAL A 353 13.72 -15.53 -1.15
C VAL A 353 13.44 -17.01 -0.91
N HIS A 354 13.89 -17.85 -1.83
CA HIS A 354 13.71 -19.28 -1.69
C HIS A 354 14.18 -19.77 -0.32
N ILE A 355 15.26 -19.18 0.17
CA ILE A 355 15.86 -19.59 1.43
C ILE A 355 15.15 -19.01 2.66
N MET A 356 14.85 -17.72 2.61
CA MET A 356 14.16 -17.09 3.73
C MET A 356 12.77 -17.70 3.95
N THR A 357 12.07 -17.98 2.86
CA THR A 357 10.73 -18.52 2.95
C THR A 357 10.72 -19.88 3.65
N LYS A 358 11.73 -20.70 3.37
CA LYS A 358 11.88 -21.98 4.04
C LYS A 358 12.22 -21.78 5.51
N ALA A 359 13.12 -20.85 5.79
CA ALA A 359 13.48 -20.53 7.17
C ALA A 359 12.26 -20.03 7.94
N VAL A 360 11.49 -19.14 7.32
CA VAL A 360 10.31 -18.58 7.95
C VAL A 360 9.33 -19.66 8.39
N GLU A 361 9.30 -20.77 7.67
CA GLU A 361 8.41 -21.88 7.97
C GLU A 361 8.66 -22.47 9.36
N VAL A 362 9.93 -22.49 9.76
CA VAL A 362 10.29 -23.04 11.06
C VAL A 362 9.74 -22.19 12.19
N PHE A 363 9.75 -20.88 12.01
CA PHE A 363 9.27 -19.96 13.04
C PHE A 363 7.77 -20.09 13.31
N THR A 364 7.07 -20.83 12.46
CA THR A 364 5.64 -21.07 12.65
C THR A 364 5.38 -21.83 13.95
N LEU A 365 6.34 -22.66 14.34
CA LEU A 365 6.21 -23.47 15.55
C LEU A 365 6.28 -22.59 16.80
N ILE A 366 7.05 -21.50 16.71
CA ILE A 366 7.13 -20.53 17.78
C ILE A 366 5.76 -19.88 17.98
N SER A 367 5.05 -19.66 16.87
CA SER A 367 3.75 -19.02 16.90
C SER A 367 2.69 -19.91 17.57
N HIS A 368 2.65 -21.17 17.16
CA HIS A 368 1.70 -22.14 17.74
C HIS A 368 1.93 -22.35 19.24
N ILE A 369 3.19 -22.36 19.65
CA ILE A 369 3.53 -22.63 21.04
C ILE A 369 3.32 -21.39 21.92
N THR A 370 3.77 -20.24 21.42
CA THR A 370 3.63 -19.00 22.15
C THR A 370 2.17 -18.75 22.54
N TRP A 371 1.27 -18.89 21.58
CA TRP A 371 -0.12 -18.53 21.79
C TRP A 371 -0.94 -19.63 22.47
N GLY A 372 -0.51 -20.88 22.27
CA GLY A 372 -1.10 -22.00 23.00
C GLY A 372 -0.88 -21.81 24.49
N LEU A 373 0.35 -21.45 24.87
CA LEU A 373 0.65 -21.19 26.27
C LEU A 373 -0.09 -19.94 26.73
N TRP A 374 0.03 -18.88 25.95
CA TRP A 374 -0.67 -17.63 26.23
C TRP A 374 -2.15 -17.87 26.51
N SER A 375 -2.77 -18.75 25.73
CA SER A 375 -4.18 -19.03 25.88
C SER A 375 -4.46 -19.64 27.25
N ILE A 376 -3.61 -20.58 27.66
CA ILE A 376 -3.71 -21.18 28.99
C ILE A 376 -3.47 -20.13 30.06
N ALA A 377 -2.39 -19.37 29.91
CA ALA A 377 -2.03 -18.33 30.87
C ALA A 377 -3.07 -17.22 30.89
N VAL A 387 -16.01 -10.99 26.22
CA VAL A 387 -15.57 -12.02 27.14
C VAL A 387 -15.78 -13.42 26.56
N GLU A 388 -16.59 -13.49 25.50
CA GLU A 388 -16.97 -14.78 24.92
C GLU A 388 -15.82 -15.40 24.13
N PHE A 389 -15.13 -16.36 24.74
CA PHE A 389 -14.05 -17.08 24.04
C PHE A 389 -13.59 -18.31 24.81
N ASP A 390 -13.32 -19.39 24.09
CA ASP A 390 -12.90 -20.65 24.71
C ASP A 390 -11.39 -20.84 24.64
N PHE A 391 -10.68 -20.20 25.57
CA PHE A 391 -9.22 -20.21 25.57
C PHE A 391 -8.61 -21.61 25.65
N THR A 392 -9.31 -22.53 26.31
CA THR A 392 -8.79 -23.89 26.48
C THR A 392 -8.77 -24.66 25.17
N GLU A 393 -9.87 -24.63 24.44
CA GLU A 393 -9.96 -25.32 23.17
C GLU A 393 -9.00 -24.71 22.16
N TYR A 394 -8.88 -23.39 22.19
CA TYR A 394 -7.95 -22.70 21.30
C TYR A 394 -6.52 -23.17 21.55
N ALA A 395 -6.18 -23.37 22.81
CA ALA A 395 -4.85 -23.85 23.19
C ALA A 395 -4.59 -25.24 22.62
N ASN A 396 -5.50 -26.17 22.88
CA ASN A 396 -5.40 -27.51 22.30
C ASN A 396 -5.15 -27.45 20.80
N THR A 397 -5.77 -26.46 20.15
CA THR A 397 -5.66 -26.32 18.70
C THR A 397 -4.28 -25.89 18.26
N ARG A 398 -3.76 -24.83 18.87
CA ARG A 398 -2.42 -24.35 18.53
C ARG A 398 -1.37 -25.42 18.85
N PHE A 399 -1.62 -26.18 19.91
CA PHE A 399 -0.73 -27.28 20.27
C PHE A 399 -0.83 -28.41 19.25
N THR A 400 -2.06 -28.74 18.86
CA THR A 400 -2.28 -29.78 17.88
C THR A 400 -1.60 -29.42 16.56
N HIS A 401 -1.60 -28.12 16.24
CA HIS A 401 -1.03 -27.66 14.98
C HIS A 401 0.49 -27.62 15.03
N TYR A 402 1.04 -27.31 16.20
CA TYR A 402 2.48 -27.37 16.37
C TYR A 402 3.01 -28.73 15.95
N LEU A 403 2.42 -29.78 16.50
CA LEU A 403 2.83 -31.15 16.18
C LEU A 403 2.64 -31.44 14.71
N GLN A 404 1.43 -31.16 14.22
CA GLN A 404 1.11 -31.37 12.82
C GLN A 404 2.12 -30.66 11.93
N LYS A 405 2.35 -29.37 12.21
CA LYS A 405 3.26 -28.56 11.42
C LYS A 405 4.70 -29.06 11.51
N LYS A 406 5.16 -29.35 12.73
CA LYS A 406 6.50 -29.87 12.94
C LYS A 406 6.67 -31.18 12.19
N LYS A 407 5.61 -31.98 12.18
CA LYS A 407 5.60 -33.26 11.48
C LYS A 407 5.78 -33.03 9.99
N GLU A 408 5.09 -32.03 9.45
CA GLU A 408 5.19 -31.70 8.03
C GLU A 408 6.56 -31.12 7.69
N LEU A 409 7.04 -30.20 8.51
CA LEU A 409 8.35 -29.59 8.31
C LEU A 409 9.42 -30.65 8.13
N ILE A 410 9.45 -31.61 9.06
CA ILE A 410 10.38 -32.73 8.99
C ILE A 410 10.22 -33.49 7.68
N ASP A 411 8.98 -33.79 7.32
CA ASP A 411 8.69 -34.57 6.11
C ASP A 411 9.06 -33.82 4.84
N GLN A 412 9.21 -32.50 4.94
CA GLN A 412 9.54 -31.68 3.79
C GLN A 412 11.03 -31.42 3.69
N GLY A 413 11.76 -31.78 4.74
CA GLY A 413 13.20 -31.55 4.79
C GLY A 413 13.57 -30.17 5.29
N ILE A 414 12.55 -29.40 5.69
CA ILE A 414 12.78 -28.08 6.26
C ILE A 414 13.49 -28.20 7.61
N LEU A 415 13.09 -29.18 8.40
CA LEU A 415 13.78 -29.51 9.64
C LEU A 415 14.60 -30.79 9.45
N PRO A 416 15.81 -30.82 10.04
CA PRO A 416 16.36 -29.71 10.81
C PRO A 416 17.02 -28.68 9.89
N LEU A 417 17.15 -27.45 10.39
CA LEU A 417 17.76 -26.38 9.61
C LEU A 417 19.18 -26.71 9.18
N ASN A 418 19.88 -27.47 10.02
CA ASN A 418 21.29 -27.76 9.78
C ASN A 418 21.50 -28.75 8.64
N SER A 419 20.41 -29.34 8.16
CA SER A 419 20.50 -30.28 7.06
C SER A 419 20.52 -29.57 5.70
N TRP A 420 20.32 -28.26 5.72
CA TRP A 420 20.31 -27.48 4.47
C TRP A 420 20.81 -26.04 4.64
N LEU A 421 20.27 -25.32 5.62
CA LEU A 421 20.54 -23.90 5.77
C LEU A 421 22.00 -23.52 5.53
N PHE A 422 22.93 -24.37 5.98
CA PHE A 422 24.35 -24.05 5.91
C PHE A 422 25.05 -24.62 4.67
N ASN A 423 24.26 -25.16 3.75
CA ASN A 423 24.80 -25.72 2.52
C ASN A 423 24.63 -24.76 1.35
N ASP B 50 -1.82 38.13 -6.45
CA ASP B 50 -1.60 38.93 -5.21
C ASP B 50 -1.73 38.05 -3.97
N THR B 51 -0.81 38.23 -3.03
CA THR B 51 -0.78 37.42 -1.82
C THR B 51 -1.94 37.71 -0.86
N GLU B 52 -2.23 38.99 -0.64
CA GLU B 52 -3.28 39.37 0.30
C GLU B 52 -4.65 38.88 -0.18
N ILE B 53 -4.83 38.82 -1.49
CA ILE B 53 -6.09 38.39 -2.08
C ILE B 53 -6.28 36.88 -1.94
N ILE B 54 -5.16 36.15 -2.00
CA ILE B 54 -5.19 34.71 -1.83
C ILE B 54 -5.41 34.37 -0.36
N ILE B 55 -4.81 35.16 0.51
CA ILE B 55 -4.93 34.98 1.95
C ILE B 55 -6.35 35.33 2.45
N GLY B 56 -6.93 36.38 1.88
CA GLY B 56 -8.31 36.73 2.20
C GLY B 56 -9.26 35.63 1.78
N ILE B 57 -9.05 35.10 0.57
CA ILE B 57 -9.88 34.02 0.04
C ILE B 57 -9.75 32.76 0.88
N CYS B 58 -8.56 32.51 1.41
CA CYS B 58 -8.29 31.32 2.22
C CYS B 58 -8.93 31.38 3.60
N ARG B 59 -8.74 32.49 4.30
CA ARG B 59 -9.28 32.61 5.66
C ARG B 59 -10.79 32.56 5.64
N LYS B 60 -11.39 32.95 4.52
CA LYS B 60 -12.83 33.06 4.41
C LYS B 60 -13.49 31.72 4.10
N ASN B 61 -12.75 30.84 3.43
CA ASN B 61 -13.33 29.60 2.91
C ASN B 61 -12.78 28.32 3.55
N ILE B 62 -11.59 28.43 4.14
CA ILE B 62 -10.97 27.26 4.76
C ILE B 62 -11.34 27.16 6.24
N PRO B 63 -12.12 26.13 6.60
CA PRO B 63 -12.55 25.95 7.99
C PRO B 63 -11.38 26.08 8.97
N GLY B 64 -11.55 26.93 9.97
CA GLY B 64 -10.54 27.11 11.02
C GLY B 64 -9.59 28.27 10.77
N TRP B 65 -9.53 28.73 9.52
CA TRP B 65 -8.60 29.78 9.12
C TRP B 65 -9.17 31.17 9.37
N LYS B 66 -10.48 31.24 9.57
CA LYS B 66 -11.16 32.52 9.74
C LYS B 66 -10.42 33.49 10.66
N GLU B 67 -10.06 33.03 11.85
CA GLU B 67 -9.48 33.91 12.87
C GLU B 67 -7.96 34.00 12.86
N ILE B 68 -7.32 33.24 11.98
CA ILE B 68 -5.86 33.20 11.93
C ILE B 68 -5.28 34.49 11.34
N ASN B 69 -4.34 35.09 12.06
CA ASN B 69 -3.69 36.31 11.60
C ASN B 69 -2.82 36.07 10.37
N GLU B 70 -2.89 36.97 9.40
CA GLU B 70 -2.19 36.80 8.14
C GLU B 70 -0.68 36.60 8.34
N SER B 71 -0.16 37.11 9.45
CA SER B 71 1.27 37.02 9.73
C SER B 71 1.73 35.58 9.90
N TYR B 72 0.78 34.67 10.14
CA TYR B 72 1.09 33.26 10.34
C TYR B 72 0.80 32.44 9.08
N ILE B 73 0.48 33.13 8.00
CA ILE B 73 0.19 32.48 6.74
C ILE B 73 1.24 32.83 5.69
N GLU B 74 1.78 31.81 5.02
CA GLU B 74 2.75 32.05 3.96
C GLU B 74 2.26 31.51 2.61
N VAL B 75 2.24 32.38 1.61
CA VAL B 75 1.92 31.98 0.26
C VAL B 75 3.20 31.83 -0.55
N LYS B 76 3.44 30.64 -1.09
CA LYS B 76 4.64 30.41 -1.88
C LYS B 76 4.29 29.73 -3.19
N GLN B 77 4.49 30.46 -4.30
CA GLN B 77 4.15 29.94 -5.62
C GLN B 77 5.15 28.90 -6.09
N ILE B 78 4.63 27.78 -6.60
CA ILE B 78 5.47 26.74 -7.18
C ILE B 78 5.28 26.77 -8.70
N PHE B 79 6.35 26.48 -9.43
CA PHE B 79 6.34 26.60 -10.87
C PHE B 79 6.63 25.28 -11.56
N SER B 80 6.32 24.18 -10.89
CA SER B 80 6.52 22.85 -11.44
C SER B 80 5.39 22.49 -12.40
N GLY B 81 4.36 23.33 -12.44
CA GLY B 81 3.20 23.11 -13.31
C GLY B 81 3.44 23.55 -14.74
N LEU B 82 2.43 23.39 -15.58
CA LEU B 82 2.59 23.64 -17.01
C LEU B 82 1.55 24.62 -17.54
N THR B 83 0.46 24.81 -16.80
CA THR B 83 -0.66 25.61 -17.26
C THR B 83 -1.14 26.63 -16.24
N ASN B 84 -1.38 26.16 -15.02
CA ASN B 84 -2.04 26.96 -14.00
C ASN B 84 -1.07 27.59 -13.00
N GLN B 85 -1.55 28.60 -12.29
CA GLN B 85 -0.77 29.22 -11.22
C GLN B 85 -1.02 28.48 -9.92
N LEU B 86 0.01 27.82 -9.40
CA LEU B 86 -0.12 27.04 -8.19
C LEU B 86 0.59 27.68 -7.01
N PHE B 87 -0.04 27.62 -5.85
CA PHE B 87 0.54 28.17 -4.63
C PHE B 87 0.35 27.18 -3.49
N VAL B 88 1.39 27.01 -2.68
CA VAL B 88 1.25 26.26 -1.45
C VAL B 88 1.06 27.26 -0.32
N VAL B 89 -0.12 27.22 0.31
CA VAL B 89 -0.44 28.13 1.39
C VAL B 89 -0.39 27.40 2.72
N SER B 90 0.58 27.74 3.54
CA SER B 90 0.79 27.03 4.81
C SER B 90 0.57 27.94 6.01
N ILE B 91 0.27 27.32 7.14
CA ILE B 91 0.27 28.01 8.43
C ILE B 91 1.61 27.70 9.09
N VAL B 92 2.39 28.74 9.35
CA VAL B 92 3.76 28.57 9.84
C VAL B 92 3.87 28.51 11.36
N ASN B 93 2.76 28.78 12.06
CA ASN B 93 2.74 28.70 13.51
C ASN B 93 2.17 27.37 14.00
N GLU B 94 2.98 26.62 14.76
CA GLU B 94 2.56 25.32 15.27
C GLU B 94 1.48 25.46 16.35
N LEU B 100 -5.86 22.29 13.34
CA LEU B 100 -6.26 22.54 11.96
C LEU B 100 -6.26 21.27 11.13
N LYS B 101 -7.40 20.97 10.51
CA LYS B 101 -7.49 19.84 9.61
C LYS B 101 -6.70 20.10 8.34
N HIS B 102 -6.54 21.38 8.00
CA HIS B 102 -5.81 21.77 6.80
C HIS B 102 -4.79 22.86 7.10
N PRO B 103 -3.61 22.47 7.60
CA PRO B 103 -2.51 23.38 7.87
C PRO B 103 -1.87 23.89 6.58
N ARG B 104 -1.87 23.05 5.56
CA ARG B 104 -1.37 23.43 4.24
C ARG B 104 -2.44 23.15 3.20
N ILE B 105 -2.55 24.03 2.20
CA ILE B 105 -3.47 23.82 1.11
C ILE B 105 -2.83 24.14 -0.23
N LEU B 106 -3.47 23.71 -1.31
CA LEU B 106 -2.98 23.97 -2.66
C LEU B 106 -3.93 24.94 -3.34
N PHE B 107 -3.44 26.15 -3.64
CA PHE B 107 -4.27 27.18 -4.27
C PHE B 107 -4.06 27.16 -5.77
N ARG B 108 -5.10 26.79 -6.51
CA ARG B 108 -4.99 26.64 -7.95
C ARG B 108 -5.79 27.70 -8.70
N ILE B 109 -5.08 28.48 -9.53
CA ILE B 109 -5.74 29.46 -10.39
C ILE B 109 -5.64 29.01 -11.85
N TYR B 110 -6.79 28.85 -12.50
CA TYR B 110 -6.84 28.32 -13.86
C TYR B 110 -6.22 29.27 -14.88
N GLY B 111 -5.16 28.82 -15.53
CA GLY B 111 -4.58 29.57 -16.64
C GLY B 111 -5.17 29.08 -17.95
N LYS B 112 -4.82 29.75 -19.05
CA LYS B 112 -5.30 29.32 -20.36
C LYS B 112 -4.48 28.13 -20.86
N HIS B 113 -5.18 27.07 -21.24
CA HIS B 113 -4.51 25.83 -21.66
C HIS B 113 -4.14 25.85 -23.13
N VAL B 114 -3.02 25.21 -23.47
CA VAL B 114 -2.53 25.18 -24.84
C VAL B 114 -3.48 24.44 -25.77
N PHE B 117 -7.75 21.20 -29.31
CA PHE B 117 -9.01 20.51 -29.02
C PHE B 117 -9.11 20.19 -27.52
N TYR B 118 -8.63 21.10 -26.69
CA TYR B 118 -8.67 20.91 -25.24
C TYR B 118 -9.94 21.48 -24.63
N ASP B 119 -10.62 20.67 -23.81
CA ASP B 119 -11.87 21.09 -23.18
C ASP B 119 -11.73 21.14 -21.66
N SER B 120 -11.67 22.36 -21.12
CA SER B 120 -11.48 22.55 -19.69
C SER B 120 -12.71 22.19 -18.87
N LYS B 121 -13.88 22.25 -19.49
CA LYS B 121 -15.13 21.94 -18.79
C LYS B 121 -15.21 20.48 -18.38
N VAL B 122 -14.82 19.58 -19.28
CA VAL B 122 -14.86 18.15 -19.00
C VAL B 122 -13.82 17.75 -17.96
N GLU B 123 -12.61 18.29 -18.09
CA GLU B 123 -11.54 18.00 -17.14
C GLU B 123 -11.93 18.39 -15.72
N LEU B 124 -12.57 19.55 -15.56
CA LEU B 124 -13.00 20.00 -14.25
C LEU B 124 -14.12 19.11 -13.72
N ASP B 125 -15.01 18.73 -14.62
CA ASP B 125 -16.14 17.88 -14.26
C ASP B 125 -15.66 16.54 -13.70
N VAL B 126 -14.65 15.96 -14.34
CA VAL B 126 -14.09 14.68 -13.92
C VAL B 126 -13.36 14.80 -12.59
N PHE B 127 -12.57 15.86 -12.44
CA PHE B 127 -11.81 16.07 -11.21
C PHE B 127 -12.73 16.21 -9.99
N ARG B 128 -13.81 16.96 -10.13
CA ARG B 128 -14.74 17.17 -9.01
C ARG B 128 -15.32 15.85 -8.51
N TYR B 129 -15.60 14.95 -9.44
CA TYR B 129 -16.12 13.63 -9.08
C TYR B 129 -15.07 12.84 -8.31
N LEU B 130 -13.90 12.70 -8.91
CA LEU B 130 -12.78 11.98 -8.29
C LEU B 130 -12.48 12.57 -6.91
N SER B 131 -12.61 13.88 -6.79
CA SER B 131 -12.42 14.56 -5.53
C SER B 131 -13.50 14.13 -4.54
N ASN B 132 -14.72 14.00 -5.04
CA ASN B 132 -15.87 13.66 -4.20
C ASN B 132 -15.89 12.22 -3.68
N ILE B 133 -15.38 11.27 -4.48
CA ILE B 133 -15.26 9.89 -4.01
C ILE B 133 -13.91 9.66 -3.37
N ASN B 134 -13.22 10.75 -3.07
CA ASN B 134 -12.03 10.70 -2.21
C ASN B 134 -10.78 10.07 -2.82
N ILE B 135 -10.74 9.99 -4.15
CA ILE B 135 -9.53 9.52 -4.82
C ILE B 135 -8.58 10.69 -5.07
N ALA B 136 -9.07 11.71 -5.77
CA ALA B 136 -8.29 12.93 -6.00
C ALA B 136 -8.25 13.79 -4.73
N PRO B 137 -7.31 14.74 -4.68
CA PRO B 137 -7.21 15.63 -3.51
C PRO B 137 -8.54 16.30 -3.22
N ASN B 138 -8.89 16.40 -1.94
CA ASN B 138 -10.16 17.01 -1.54
C ASN B 138 -10.27 18.48 -1.97
N ILE B 139 -11.47 18.86 -2.43
CA ILE B 139 -11.74 20.25 -2.76
C ILE B 139 -12.34 20.96 -1.54
N ILE B 140 -11.66 22.01 -1.09
CA ILE B 140 -12.13 22.76 0.06
C ILE B 140 -13.00 23.93 -0.36
N ALA B 141 -12.64 24.57 -1.47
CA ALA B 141 -13.42 25.67 -2.03
C ALA B 141 -13.34 25.62 -3.55
N ASP B 142 -14.48 25.82 -4.21
CA ASP B 142 -14.55 25.67 -5.66
C ASP B 142 -15.24 26.87 -6.33
N PHE B 143 -14.46 27.64 -7.08
CA PHE B 143 -15.00 28.78 -7.84
C PHE B 143 -14.53 28.75 -9.29
N PRO B 144 -15.16 29.58 -10.13
CA PRO B 144 -14.92 29.62 -11.58
C PRO B 144 -13.44 29.83 -11.95
N GLU B 145 -12.78 30.78 -11.31
CA GLU B 145 -11.41 31.12 -11.68
C GLU B 145 -10.34 30.28 -10.98
N GLY B 146 -10.76 29.32 -10.16
CA GLY B 146 -9.80 28.47 -9.45
C GLY B 146 -10.43 27.56 -8.42
N ARG B 147 -9.62 27.09 -7.48
CA ARG B 147 -10.11 26.24 -6.39
C ARG B 147 -9.07 26.05 -5.30
N ILE B 148 -9.55 25.70 -4.11
CA ILE B 148 -8.67 25.39 -2.98
C ILE B 148 -8.68 23.88 -2.74
N GLU B 149 -7.51 23.26 -2.87
CA GLU B 149 -7.39 21.82 -2.70
C GLU B 149 -6.66 21.45 -1.42
N GLU B 150 -6.90 20.24 -0.94
CA GLU B 150 -6.11 19.64 0.11
C GLU B 150 -4.68 19.49 -0.39
N PHE B 151 -3.71 19.92 0.42
CA PHE B 151 -2.32 19.75 0.03
C PHE B 151 -1.82 18.36 0.41
N ILE B 152 -1.55 17.55 -0.61
CA ILE B 152 -0.98 16.23 -0.41
C ILE B 152 0.51 16.36 -0.11
N ASP B 153 0.88 16.27 1.15
CA ASP B 153 2.27 16.48 1.54
C ASP B 153 3.06 15.17 1.56
N GLY B 154 3.93 15.02 0.57
CA GLY B 154 4.78 13.85 0.44
C GLY B 154 5.78 14.07 -0.67
N GLU B 155 6.73 13.16 -0.81
CA GLU B 155 7.74 13.27 -1.85
C GLU B 155 7.36 12.45 -3.07
N PRO B 156 7.51 13.04 -4.26
CA PRO B 156 7.20 12.32 -5.50
C PRO B 156 8.19 11.19 -5.71
N LEU B 157 7.69 10.01 -6.08
CA LEU B 157 8.55 8.88 -6.36
C LEU B 157 9.62 9.27 -7.38
N THR B 158 10.76 8.58 -7.34
CA THR B 158 11.80 8.78 -8.35
C THR B 158 11.66 7.71 -9.42
N THR B 159 12.28 7.96 -10.58
CA THR B 159 12.24 7.00 -11.67
C THR B 159 12.81 5.65 -11.24
N LYS B 160 13.85 5.67 -10.42
CA LYS B 160 14.49 4.44 -9.98
C LYS B 160 13.61 3.68 -8.98
N GLN B 161 12.94 4.41 -8.11
CA GLN B 161 12.11 3.80 -7.08
C GLN B 161 11.02 2.92 -7.67
N LEU B 162 10.66 3.18 -8.92
CA LEU B 162 9.66 2.37 -9.60
C LEU B 162 10.11 0.91 -9.69
N GLN B 163 11.42 0.70 -9.74
CA GLN B 163 11.98 -0.64 -9.87
C GLN B 163 11.78 -1.44 -8.60
N LEU B 164 11.56 -0.75 -7.49
CA LEU B 164 11.42 -1.41 -6.19
C LEU B 164 10.07 -2.10 -6.07
N THR B 165 10.10 -3.39 -5.75
CA THR B 165 8.91 -4.24 -5.80
C THR B 165 7.78 -3.77 -4.88
N HIS B 166 8.12 -3.34 -3.67
CA HIS B 166 7.10 -2.90 -2.73
C HIS B 166 6.41 -1.63 -3.23
N ILE B 167 7.17 -0.78 -3.92
CA ILE B 167 6.62 0.43 -4.50
C ILE B 167 5.77 0.10 -5.72
N CYS B 168 6.27 -0.82 -6.54
CA CYS B 168 5.56 -1.23 -7.75
C CYS B 168 4.16 -1.73 -7.44
N VAL B 169 4.05 -2.65 -6.50
CA VAL B 169 2.78 -3.29 -6.18
C VAL B 169 1.77 -2.37 -5.48
N GLU B 170 2.24 -1.32 -4.81
CA GLU B 170 1.31 -0.37 -4.20
C GLU B 170 0.62 0.48 -5.26
N VAL B 171 1.36 0.89 -6.27
CA VAL B 171 0.77 1.65 -7.38
C VAL B 171 -0.25 0.80 -8.13
N ALA B 172 0.12 -0.46 -8.41
CA ALA B 172 -0.80 -1.37 -9.10
C ALA B 172 -2.10 -1.54 -8.31
N LYS B 173 -1.98 -1.48 -6.99
CA LYS B 173 -3.15 -1.59 -6.13
C LYS B 173 -4.02 -0.34 -6.24
N ASN B 174 -3.38 0.83 -6.26
CA ASN B 174 -4.07 2.11 -6.39
C ASN B 174 -4.72 2.28 -7.75
N MET B 175 -3.98 1.94 -8.81
CA MET B 175 -4.51 2.01 -10.17
C MET B 175 -5.76 1.12 -10.28
N GLY B 176 -5.71 -0.05 -9.67
CA GLY B 176 -6.84 -0.97 -9.66
C GLY B 176 -8.08 -0.40 -8.99
N SER B 177 -7.87 0.28 -7.86
CA SER B 177 -8.98 0.90 -7.13
C SER B 177 -9.65 1.99 -7.95
N LEU B 178 -8.84 2.65 -8.79
CA LEU B 178 -9.32 3.75 -9.62
C LEU B 178 -10.01 3.21 -10.87
N HIS B 179 -9.52 2.07 -11.36
CA HIS B 179 -10.02 1.49 -12.59
C HIS B 179 -11.45 0.96 -12.49
N ILE B 180 -11.83 0.46 -11.33
CA ILE B 180 -13.12 -0.22 -11.16
C ILE B 180 -14.31 0.71 -10.93
N ILE B 181 -14.05 1.99 -10.70
CA ILE B 181 -15.12 2.94 -10.36
C ILE B 181 -16.24 2.99 -11.40
N ASN B 182 -15.90 2.79 -12.67
CA ASN B 182 -16.90 2.88 -13.73
C ASN B 182 -17.79 1.65 -13.84
N SER B 183 -17.52 0.64 -13.01
CA SER B 183 -18.34 -0.57 -13.04
C SER B 183 -18.81 -0.98 -11.66
N LYS B 184 -18.18 -0.45 -10.62
CA LYS B 184 -18.54 -0.81 -9.25
C LYS B 184 -19.01 0.39 -8.43
N ARG B 185 -19.51 1.42 -9.11
CA ARG B 185 -20.03 2.60 -8.40
C ARG B 185 -21.34 3.08 -8.99
N ALA B 186 -22.37 3.11 -8.15
CA ALA B 186 -23.69 3.58 -8.59
C ALA B 186 -23.67 5.06 -8.92
N ASP B 187 -22.78 5.81 -8.27
CA ASP B 187 -22.72 7.25 -8.44
C ASP B 187 -21.83 7.68 -9.58
N PHE B 188 -21.35 6.73 -10.37
CA PHE B 188 -20.48 7.06 -11.48
C PHE B 188 -21.23 7.86 -12.54
N PRO B 189 -20.76 9.08 -12.83
CA PRO B 189 -21.42 9.95 -13.80
C PRO B 189 -21.65 9.25 -15.14
N SER B 190 -22.91 9.22 -15.57
CA SER B 190 -23.29 8.57 -16.81
C SER B 190 -22.85 9.40 -18.01
N ARG B 191 -22.67 10.70 -17.78
CA ARG B 191 -22.35 11.64 -18.85
C ARG B 191 -20.90 11.53 -19.32
N PHE B 192 -20.07 10.83 -18.55
CA PHE B 192 -18.69 10.58 -18.97
C PHE B 192 -18.66 9.55 -20.10
N ASP B 193 -17.90 9.86 -21.14
CA ASP B 193 -17.79 8.98 -22.30
C ASP B 193 -17.49 7.55 -21.88
N LYS B 194 -18.27 6.60 -22.37
CA LYS B 194 -18.06 5.19 -22.05
C LYS B 194 -17.10 4.51 -23.04
N GLU B 195 -16.64 5.26 -24.03
CA GLU B 195 -15.70 4.72 -25.02
C GLU B 195 -14.26 5.06 -24.65
N PRO B 196 -13.33 4.14 -24.95
CA PRO B 196 -11.91 4.37 -24.70
C PRO B 196 -11.43 5.60 -25.44
N ILE B 197 -10.42 6.27 -24.90
CA ILE B 197 -9.96 7.53 -25.46
C ILE B 197 -8.68 7.40 -26.28
N LEU B 198 -8.05 6.22 -26.19
CA LEU B 198 -6.71 6.03 -26.74
C LEU B 198 -6.57 6.46 -28.21
N PHE B 199 -7.54 6.10 -29.03
CA PHE B 199 -7.48 6.44 -30.45
C PHE B 199 -7.91 7.89 -30.72
N LYS B 200 -9.05 8.29 -30.20
CA LYS B 200 -9.53 9.66 -30.35
C LYS B 200 -8.42 10.64 -30.00
N ARG B 201 -7.83 10.46 -28.82
CA ARG B 201 -6.79 11.35 -28.34
C ARG B 201 -5.60 11.40 -29.30
N ILE B 202 -5.20 10.23 -29.81
CA ILE B 202 -4.10 10.17 -30.76
C ILE B 202 -4.42 10.96 -32.03
N TYR B 203 -5.61 10.74 -32.58
CA TYR B 203 -6.02 11.46 -33.78
C TYR B 203 -6.12 12.96 -33.47
N LEU B 204 -6.70 13.29 -32.33
CA LEU B 204 -6.85 14.67 -31.92
C LEU B 204 -5.49 15.36 -31.80
N TRP B 205 -4.54 14.69 -31.14
CA TRP B 205 -3.22 15.27 -30.93
C TRP B 205 -2.36 15.20 -32.19
N ARG B 206 -2.67 14.27 -33.08
CA ARG B 206 -1.97 14.18 -34.36
C ARG B 206 -2.19 15.47 -35.16
N GLU B 207 -3.43 15.93 -35.19
CA GLU B 207 -3.78 17.15 -35.92
C GLU B 207 -3.15 18.39 -35.29
N GLU B 208 -3.11 18.44 -33.95
CA GLU B 208 -2.47 19.55 -33.27
C GLU B 208 -0.98 19.61 -33.63
N ALA B 209 -0.35 18.44 -33.76
CA ALA B 209 1.05 18.36 -34.14
C ALA B 209 1.29 18.94 -35.54
N LYS B 210 0.52 18.47 -36.51
CA LYS B 210 0.60 19.01 -37.87
C LYS B 210 0.66 20.53 -37.85
N ILE B 211 -0.31 21.14 -37.18
CA ILE B 211 -0.37 22.60 -37.06
C ILE B 211 0.97 23.18 -36.58
N GLN B 212 1.49 22.63 -35.49
CA GLN B 212 2.75 23.09 -34.94
C GLN B 212 3.91 22.90 -35.92
N VAL B 213 3.94 21.73 -36.56
CA VAL B 213 4.97 21.44 -37.54
C VAL B 213 4.95 22.48 -38.66
N SER B 214 3.77 22.70 -39.23
CA SER B 214 3.61 23.70 -40.28
C SER B 214 4.09 25.06 -39.79
N LYS B 215 4.05 25.25 -38.47
CA LYS B 215 4.55 26.49 -37.87
C LYS B 215 6.07 26.54 -38.05
N ASN B 216 6.66 25.37 -38.31
CA ASN B 216 8.08 25.27 -38.62
C ASN B 216 8.95 26.19 -37.77
N ASN B 217 8.88 26.02 -36.46
CA ASN B 217 9.72 26.80 -35.54
C ASN B 217 10.29 25.94 -34.42
N GLN B 219 11.99 22.47 -35.17
CA GLN B 219 13.12 21.69 -35.68
C GLN B 219 12.95 20.23 -35.28
N ILE B 220 12.35 19.45 -36.16
CA ILE B 220 12.02 18.06 -35.85
C ILE B 220 12.61 17.09 -36.88
N ASP B 221 12.81 15.84 -36.47
CA ASP B 221 13.31 14.81 -37.39
C ASP B 221 12.20 14.39 -38.35
N LYS B 222 12.15 15.03 -39.51
CA LYS B 222 11.08 14.82 -40.46
C LYS B 222 10.96 13.37 -40.91
N GLU B 223 12.08 12.64 -40.88
CA GLU B 223 12.09 11.25 -41.34
C GLU B 223 11.37 10.35 -40.34
N LEU B 224 11.69 10.50 -39.07
CA LEU B 224 11.04 9.74 -38.01
C LEU B 224 9.58 10.12 -37.91
N TYR B 225 9.33 11.42 -37.72
CA TYR B 225 7.97 11.94 -37.62
C TYR B 225 7.09 11.42 -38.75
N SER B 226 7.66 11.37 -39.95
CA SER B 226 6.92 10.96 -41.13
C SER B 226 6.54 9.49 -41.06
N LYS B 227 7.45 8.66 -40.56
CA LYS B 227 7.20 7.23 -40.43
C LYS B 227 6.12 6.95 -39.39
N ILE B 228 6.07 7.79 -38.35
CA ILE B 228 5.09 7.65 -37.30
C ILE B 228 3.68 7.94 -37.83
N LEU B 229 3.58 8.91 -38.72
CA LEU B 229 2.31 9.27 -39.33
C LEU B 229 1.74 8.11 -40.15
N GLU B 230 2.62 7.29 -40.71
CA GLU B 230 2.20 6.13 -41.47
C GLU B 230 1.76 5.00 -40.54
N GLU B 231 2.49 4.82 -39.45
CA GLU B 231 2.20 3.77 -38.48
C GLU B 231 0.81 3.98 -37.86
N ILE B 232 0.46 5.24 -37.65
CA ILE B 232 -0.83 5.57 -37.02
C ILE B 232 -2.01 4.98 -37.78
N ASP B 233 -1.90 4.90 -39.09
CA ASP B 233 -2.97 4.36 -39.93
C ASP B 233 -3.26 2.90 -39.59
N GLN B 234 -2.24 2.18 -39.13
CA GLN B 234 -2.37 0.76 -38.81
C GLN B 234 -2.63 0.54 -37.32
N LEU B 235 -2.59 1.63 -36.56
CA LEU B 235 -2.57 1.55 -35.10
C LEU B 235 -3.76 0.80 -34.50
N GLU B 236 -4.95 1.00 -35.08
CA GLU B 236 -6.15 0.33 -34.59
C GLU B 236 -6.11 -1.17 -34.85
N GLU B 237 -5.83 -1.55 -36.09
CA GLU B 237 -5.71 -2.97 -36.43
C GLU B 237 -4.71 -3.65 -35.51
N LEU B 238 -3.64 -2.94 -35.18
CA LEU B 238 -2.59 -3.49 -34.33
C LEU B 238 -3.07 -3.78 -32.91
N ILE B 239 -3.78 -2.82 -32.31
CA ILE B 239 -4.29 -2.98 -30.95
C ILE B 239 -5.50 -3.91 -30.89
N MET B 240 -6.32 -3.90 -31.94
CA MET B 240 -7.53 -4.71 -31.98
C MET B 240 -7.34 -6.04 -32.70
N GLY B 241 -6.10 -6.38 -33.01
CA GLY B 241 -5.80 -7.67 -33.65
C GLY B 241 -6.40 -7.87 -35.02
N GLY B 242 -6.04 -7.00 -35.96
CA GLY B 242 -6.46 -7.15 -37.36
C GLY B 242 -7.77 -6.48 -37.69
N GLU B 243 -8.44 -5.96 -36.67
CA GLU B 243 -9.75 -5.35 -36.83
C GLU B 243 -9.71 -3.90 -36.37
N LYS B 244 -10.53 -3.05 -37.00
CA LYS B 244 -10.64 -1.66 -36.57
C LYS B 244 -11.45 -1.60 -35.28
N PHE B 245 -11.39 -0.46 -34.59
CA PHE B 245 -12.07 -0.35 -33.31
C PHE B 245 -13.58 -0.24 -33.42
N SER B 246 -14.27 -1.05 -32.62
CA SER B 246 -15.70 -0.91 -32.40
C SER B 246 -15.95 -1.29 -30.94
N MET B 247 -17.08 -0.87 -30.40
CA MET B 247 -17.43 -1.24 -29.03
C MET B 247 -17.70 -2.74 -29.01
N GLU B 248 -18.00 -3.27 -30.19
CA GLU B 248 -18.22 -4.70 -30.39
C GLU B 248 -16.90 -5.43 -30.24
N ARG B 249 -15.93 -5.05 -31.07
CA ARG B 249 -14.59 -5.62 -31.03
C ARG B 249 -14.03 -5.49 -29.62
N ALA B 250 -14.39 -4.40 -28.95
CA ALA B 250 -13.88 -4.11 -27.61
C ALA B 250 -14.39 -5.10 -26.56
N LEU B 251 -15.69 -5.38 -26.59
CA LEU B 251 -16.30 -6.30 -25.64
C LEU B 251 -15.85 -7.73 -25.88
N GLU B 252 -15.65 -8.08 -27.13
CA GLU B 252 -15.16 -9.41 -27.47
C GLU B 252 -13.75 -9.60 -26.94
N LEU B 253 -12.92 -8.57 -27.10
CA LEU B 253 -11.54 -8.63 -26.66
C LEU B 253 -11.42 -8.75 -25.14
N LYS B 254 -12.33 -8.12 -24.41
CA LYS B 254 -12.34 -8.21 -22.95
C LYS B 254 -12.53 -9.66 -22.50
N LEU B 255 -13.30 -10.42 -23.27
CA LEU B 255 -13.54 -11.83 -22.96
C LEU B 255 -12.24 -12.63 -22.94
N TYR B 256 -11.21 -12.12 -23.61
CA TYR B 256 -9.95 -12.84 -23.73
C TYR B 256 -8.90 -12.40 -22.71
N SER B 257 -9.02 -11.16 -22.23
CA SER B 257 -8.06 -10.63 -21.26
C SER B 257 -8.53 -9.29 -20.71
N PRO B 258 -8.47 -9.13 -19.38
CA PRO B 258 -8.85 -7.87 -18.74
C PRO B 258 -7.97 -6.72 -19.20
N ALA B 259 -7.00 -7.01 -20.06
CA ALA B 259 -6.19 -5.96 -20.67
C ALA B 259 -7.06 -5.06 -21.53
N PHE B 260 -8.10 -5.65 -22.13
CA PHE B 260 -9.00 -4.90 -23.00
C PHE B 260 -10.27 -4.53 -22.24
N SER B 261 -10.19 -4.59 -20.93
CA SER B 261 -11.29 -4.18 -20.07
C SER B 261 -11.43 -2.65 -20.15
N LEU B 262 -12.66 -2.18 -20.06
CA LEU B 262 -12.91 -0.74 -20.09
C LEU B 262 -12.97 -0.18 -18.68
N VAL B 263 -12.02 0.69 -18.35
CA VAL B 263 -11.88 1.21 -17.00
C VAL B 263 -11.67 2.71 -17.02
N PHE B 264 -11.84 3.36 -15.87
CA PHE B 264 -11.51 4.78 -15.78
C PHE B 264 -10.03 4.94 -15.46
N ALA B 265 -9.25 5.30 -16.48
CA ALA B 265 -7.81 5.32 -16.38
C ALA B 265 -7.26 6.68 -15.96
N HIS B 266 -6.09 6.66 -15.32
CA HIS B 266 -5.37 7.88 -14.98
C HIS B 266 -4.76 8.49 -16.24
N ASN B 267 -4.08 7.65 -17.01
CA ASN B 267 -3.57 8.03 -18.33
C ASN B 267 -2.27 8.82 -18.33
N ASP B 268 -1.69 9.03 -17.15
CA ASP B 268 -0.46 9.80 -17.05
C ASP B 268 0.21 9.50 -15.71
N LEU B 269 0.07 8.26 -15.25
CA LEU B 269 0.57 7.89 -13.93
C LEU B 269 2.08 7.72 -13.95
N GLN B 270 2.79 8.85 -14.01
CA GLN B 270 4.25 8.85 -13.96
C GLN B 270 4.73 9.13 -12.53
N GLU B 271 6.02 8.92 -12.28
CA GLU B 271 6.54 8.97 -10.90
C GLU B 271 6.28 10.30 -10.18
N ASN B 272 6.35 11.40 -10.92
CA ASN B 272 6.11 12.71 -10.32
C ASN B 272 4.65 12.94 -9.95
N ASN B 273 3.78 12.03 -10.40
CA ASN B 273 2.36 12.11 -10.05
C ASN B 273 1.97 11.09 -8.98
N LEU B 274 2.99 10.50 -8.37
CA LEU B 274 2.80 9.59 -7.26
C LEU B 274 3.55 10.12 -6.04
N LEU B 275 2.80 10.66 -5.08
CA LEU B 275 3.40 11.22 -3.88
C LEU B 275 3.46 10.20 -2.76
N GLN B 276 4.64 10.03 -2.17
CA GLN B 276 4.80 9.09 -1.08
C GLN B 276 4.54 9.77 0.26
N THR B 277 3.32 9.60 0.77
CA THR B 277 2.96 10.17 2.06
C THR B 277 3.45 9.25 3.17
N GLN B 278 3.06 9.55 4.40
CA GLN B 278 3.48 8.76 5.54
C GLN B 278 3.04 7.30 5.43
N ASN B 279 1.74 7.10 5.20
CA ASN B 279 1.16 5.75 5.23
C ASN B 279 0.80 5.17 3.87
N ASN B 280 1.01 5.94 2.81
CA ASN B 280 0.68 5.45 1.47
C ASN B 280 1.20 6.32 0.34
N ILE B 281 1.05 5.80 -0.88
CA ILE B 281 1.35 6.56 -2.08
C ILE B 281 0.03 7.09 -2.65
N ARG B 282 0.03 8.34 -3.08
CA ARG B 282 -1.18 8.92 -3.64
C ARG B 282 -0.99 9.40 -5.08
N MET B 283 -2.04 9.28 -5.88
CA MET B 283 -2.00 9.71 -7.27
C MET B 283 -2.47 11.16 -7.39
N ILE B 284 -1.83 11.91 -8.27
CA ILE B 284 -2.29 13.26 -8.58
C ILE B 284 -2.28 13.52 -10.08
N ASP B 285 -2.70 14.71 -10.48
CA ASP B 285 -2.70 15.11 -11.89
C ASP B 285 -3.59 14.20 -12.74
N TYR B 286 -4.89 14.44 -12.68
CA TYR B 286 -5.86 13.62 -13.40
C TYR B 286 -6.37 14.34 -14.65
N GLU B 287 -5.58 15.27 -15.17
CA GLU B 287 -6.02 16.08 -16.31
C GLU B 287 -6.21 15.26 -17.59
N TYR B 288 -5.63 14.07 -17.65
CA TYR B 288 -5.76 13.22 -18.84
C TYR B 288 -6.62 11.98 -18.56
N SER B 289 -7.29 11.98 -17.40
CA SER B 289 -8.07 10.82 -16.99
C SER B 289 -9.39 10.71 -17.74
N ALA B 290 -9.70 9.49 -18.19
CA ALA B 290 -10.90 9.21 -18.96
C ALA B 290 -10.98 7.70 -19.20
N ILE B 291 -12.17 7.22 -19.56
CA ILE B 291 -12.32 5.79 -19.83
C ILE B 291 -11.29 5.37 -20.88
N ASN B 292 -10.77 4.16 -20.72
CA ASN B 292 -9.74 3.65 -21.62
C ASN B 292 -9.45 2.19 -21.33
N PHE B 293 -8.77 1.51 -22.25
CA PHE B 293 -8.37 0.13 -22.02
C PHE B 293 -7.43 0.04 -20.83
N ALA B 294 -7.75 -0.84 -19.88
CA ALA B 294 -6.92 -1.03 -18.70
C ALA B 294 -5.44 -1.19 -19.07
N GLY B 295 -5.18 -1.95 -20.13
CA GLY B 295 -3.82 -2.21 -20.58
C GLY B 295 -3.09 -0.95 -21.02
N ALA B 296 -3.83 0.00 -21.56
CA ALA B 296 -3.25 1.28 -21.97
C ALA B 296 -2.64 1.98 -20.76
N ASP B 297 -3.41 2.08 -19.68
CA ASP B 297 -2.98 2.80 -18.49
C ASP B 297 -1.78 2.13 -17.84
N ILE B 298 -1.81 0.80 -17.77
CA ILE B 298 -0.73 0.04 -17.16
C ILE B 298 0.55 0.12 -17.98
N ALA B 299 0.42 -0.08 -19.29
CA ALA B 299 1.57 -0.02 -20.19
C ALA B 299 2.24 1.35 -20.14
N ASN B 300 1.45 2.40 -19.96
CA ASN B 300 2.00 3.74 -19.84
C ASN B 300 2.84 3.89 -18.59
N TYR B 301 2.34 3.36 -17.48
CA TYR B 301 3.10 3.36 -16.24
C TYR B 301 4.41 2.58 -16.41
N PHE B 302 4.33 1.41 -17.04
CA PHE B 302 5.52 0.63 -17.29
C PHE B 302 6.55 1.43 -18.08
N CYS B 303 6.08 2.23 -19.03
CA CYS B 303 6.97 3.01 -19.89
C CYS B 303 7.73 4.10 -19.14
N GLU B 304 7.09 4.68 -18.13
CA GLU B 304 7.72 5.76 -17.37
C GLU B 304 8.94 5.27 -16.61
N TYR B 305 9.10 3.97 -16.54
CA TYR B 305 10.30 3.39 -15.95
C TYR B 305 11.53 3.88 -16.72
N ILE B 306 11.30 4.26 -17.97
CA ILE B 306 12.39 4.64 -18.88
C ILE B 306 12.75 6.12 -18.83
N TYR B 307 11.78 6.96 -18.44
CA TYR B 307 11.98 8.40 -18.54
C TYR B 307 12.10 9.11 -17.20
N ASP B 308 13.26 9.76 -17.02
CA ASP B 308 13.54 10.52 -15.82
C ASP B 308 13.50 12.01 -16.15
N TYR B 309 12.53 12.72 -15.60
CA TYR B 309 12.36 14.14 -15.89
C TYR B 309 13.01 15.02 -14.82
N CYS B 310 13.94 14.45 -14.08
CA CYS B 310 14.68 15.20 -13.06
C CYS B 310 16.11 15.47 -13.50
N SER B 311 16.25 16.14 -14.64
CA SER B 311 17.56 16.52 -15.17
C SER B 311 17.59 18.02 -15.37
N GLU B 312 18.72 18.64 -15.07
CA GLU B 312 18.82 20.10 -15.10
C GLU B 312 19.60 20.62 -16.32
N LYS B 313 20.14 19.70 -17.10
CA LYS B 313 20.82 20.08 -18.34
C LYS B 313 20.05 19.54 -19.55
N GLN B 314 20.09 20.29 -20.66
CA GLN B 314 19.39 19.88 -21.86
C GLN B 314 19.77 18.44 -22.21
N PRO B 315 18.81 17.66 -22.73
CA PRO B 315 17.45 18.10 -23.06
C PRO B 315 16.53 18.17 -21.84
N TYR B 316 17.09 17.96 -20.65
CA TYR B 316 16.32 18.08 -19.41
C TYR B 316 15.45 16.86 -19.13
N PHE B 317 15.93 15.70 -19.58
CA PHE B 317 15.34 14.42 -19.25
C PHE B 317 16.31 13.33 -19.66
N LYS B 318 16.38 12.26 -18.87
CA LYS B 318 17.23 11.13 -19.20
C LYS B 318 16.35 9.93 -19.52
N PHE B 319 16.83 9.06 -20.41
CA PHE B 319 16.09 7.87 -20.78
C PHE B 319 17.00 6.64 -20.78
N LYS B 320 16.45 5.52 -20.36
CA LYS B 320 17.17 4.25 -20.43
C LYS B 320 16.23 3.12 -20.79
N TYR B 321 16.26 2.75 -22.07
CA TYR B 321 15.37 1.73 -22.60
C TYR B 321 15.44 0.41 -21.84
N GLU B 322 16.64 0.07 -21.37
CA GLU B 322 16.85 -1.18 -20.65
C GLU B 322 16.12 -1.19 -19.31
N ASP B 323 15.72 0.01 -18.86
CA ASP B 323 15.09 0.14 -17.55
C ASP B 323 13.62 -0.27 -17.57
N TYR B 324 13.05 -0.42 -18.75
CA TYR B 324 11.69 -0.95 -18.84
C TYR B 324 11.63 -2.19 -17.96
N PRO B 325 10.61 -2.26 -17.09
CA PRO B 325 10.55 -3.32 -16.07
C PRO B 325 10.60 -4.72 -16.66
N CYS B 326 11.34 -5.60 -16.02
CA CYS B 326 11.47 -6.97 -16.48
C CYS B 326 10.13 -7.70 -16.43
N GLU B 327 10.07 -8.86 -17.07
CA GLU B 327 8.81 -9.60 -17.16
C GLU B 327 8.28 -10.05 -15.81
N GLU B 328 9.17 -10.37 -14.89
CA GLU B 328 8.75 -10.83 -13.58
C GLU B 328 8.08 -9.71 -12.79
N LEU B 329 8.74 -8.55 -12.75
CA LEU B 329 8.16 -7.38 -12.08
C LEU B 329 6.78 -7.07 -12.63
N ARG B 330 6.67 -7.04 -13.96
CA ARG B 330 5.41 -6.77 -14.61
C ARG B 330 4.32 -7.72 -14.14
N LYS B 331 4.64 -9.01 -14.07
CA LYS B 331 3.68 -10.03 -13.64
C LYS B 331 3.24 -9.86 -12.19
N LEU B 332 4.15 -9.42 -11.34
CA LEU B 332 3.80 -9.11 -9.95
C LEU B 332 2.81 -7.96 -9.94
N PHE B 333 3.09 -6.92 -10.72
CA PHE B 333 2.20 -5.78 -10.81
C PHE B 333 0.81 -6.23 -11.21
N ILE B 334 0.74 -7.01 -12.28
CA ILE B 334 -0.53 -7.42 -12.85
C ILE B 334 -1.30 -8.38 -11.95
N SER B 335 -0.58 -9.18 -11.18
CA SER B 335 -1.21 -10.08 -10.22
C SER B 335 -1.89 -9.29 -9.11
N VAL B 336 -1.21 -8.26 -8.63
CA VAL B 336 -1.77 -7.42 -7.58
C VAL B 336 -2.92 -6.59 -8.11
N TYR B 337 -2.76 -6.08 -9.33
CA TYR B 337 -3.80 -5.31 -9.99
C TYR B 337 -5.11 -6.10 -10.06
N LEU B 338 -5.03 -7.29 -10.63
CA LEU B 338 -6.20 -8.14 -10.80
C LEU B 338 -6.80 -8.57 -9.47
N SER B 339 -5.95 -8.85 -8.49
CA SER B 339 -6.41 -9.19 -7.16
C SER B 339 -7.28 -8.04 -6.64
N GLN B 340 -6.92 -6.83 -7.01
CA GLN B 340 -7.65 -5.64 -6.57
C GLN B 340 -8.93 -5.44 -7.36
N THR B 341 -8.85 -5.51 -8.69
CA THR B 341 -10.01 -5.27 -9.53
C THR B 341 -11.02 -6.42 -9.42
N LEU B 342 -10.52 -7.64 -9.31
CA LEU B 342 -11.38 -8.82 -9.26
C LEU B 342 -11.70 -9.24 -7.83
N GLN B 343 -10.92 -8.76 -6.87
CA GLN B 343 -11.12 -9.12 -5.48
C GLN B 343 -10.97 -10.62 -5.24
N GLU B 344 -10.00 -11.23 -5.91
CA GLU B 344 -9.72 -12.66 -5.72
C GLU B 344 -8.21 -12.91 -5.78
N GLN B 345 -7.78 -14.00 -5.17
CA GLN B 345 -6.36 -14.33 -5.14
C GLN B 345 -5.82 -14.58 -6.54
N VAL B 346 -5.17 -13.57 -7.10
CA VAL B 346 -4.52 -13.72 -8.40
C VAL B 346 -3.02 -13.65 -8.22
N MET B 347 -2.33 -14.62 -8.82
CA MET B 347 -0.87 -14.71 -8.67
C MET B 347 -0.21 -14.95 -10.02
N PRO B 348 1.09 -14.63 -10.12
CA PRO B 348 1.82 -14.64 -11.38
C PRO B 348 1.76 -15.98 -12.11
N SER B 349 1.55 -17.07 -11.39
CA SER B 349 1.59 -18.41 -11.99
C SER B 349 0.31 -18.76 -12.73
N GLN B 350 -0.72 -17.93 -12.56
CA GLN B 350 -2.01 -18.19 -13.19
C GLN B 350 -2.03 -17.74 -14.65
N GLN B 351 -2.79 -18.41 -15.47
CA GLN B 351 -2.81 -18.09 -16.88
C GLN B 351 -3.44 -16.75 -17.25
N ILE B 352 -4.35 -16.24 -16.42
CA ILE B 352 -4.92 -14.92 -16.64
C ILE B 352 -3.86 -13.83 -16.57
N VAL B 353 -2.81 -14.08 -15.78
CA VAL B 353 -1.71 -13.13 -15.67
C VAL B 353 -0.77 -13.25 -16.87
N HIS B 354 -0.36 -14.49 -17.17
CA HIS B 354 0.50 -14.75 -18.32
C HIS B 354 -0.05 -14.10 -19.58
N ILE B 355 -1.35 -14.27 -19.82
CA ILE B 355 -1.99 -13.69 -21.00
C ILE B 355 -2.03 -12.16 -20.96
N MET B 356 -2.47 -11.61 -19.83
CA MET B 356 -2.62 -10.17 -19.71
C MET B 356 -1.29 -9.45 -19.78
N THR B 357 -0.25 -10.06 -19.22
CA THR B 357 1.08 -9.46 -19.22
C THR B 357 1.57 -9.22 -20.64
N LYS B 358 1.40 -10.21 -21.51
CA LYS B 358 1.87 -10.09 -22.89
C LYS B 358 0.93 -9.19 -23.70
N ALA B 359 -0.35 -9.19 -23.35
CA ALA B 359 -1.31 -8.31 -24.00
C ALA B 359 -1.02 -6.85 -23.68
N VAL B 360 -0.67 -6.58 -22.43
CA VAL B 360 -0.36 -5.22 -21.99
C VAL B 360 0.83 -4.65 -22.74
N GLU B 361 1.73 -5.52 -23.20
CA GLU B 361 2.91 -5.10 -23.94
C GLU B 361 2.53 -4.34 -25.21
N VAL B 362 1.43 -4.76 -25.83
CA VAL B 362 0.96 -4.13 -27.06
C VAL B 362 0.67 -2.65 -26.84
N PHE B 363 0.01 -2.34 -25.72
CA PHE B 363 -0.38 -0.97 -25.42
C PHE B 363 0.79 -0.04 -25.16
N THR B 364 2.01 -0.59 -25.12
CA THR B 364 3.19 0.24 -24.89
C THR B 364 3.42 1.19 -26.06
N LEU B 365 3.01 0.77 -27.25
CA LEU B 365 3.18 1.58 -28.44
C LEU B 365 2.22 2.77 -28.41
N ILE B 366 1.04 2.56 -27.83
CA ILE B 366 0.07 3.64 -27.69
C ILE B 366 0.68 4.78 -26.88
N SER B 367 1.45 4.44 -25.86
CA SER B 367 2.08 5.41 -24.98
C SER B 367 3.16 6.22 -25.68
N HIS B 368 4.05 5.54 -26.39
CA HIS B 368 5.14 6.21 -27.11
C HIS B 368 4.62 7.16 -28.18
N ILE B 369 3.55 6.76 -28.86
CA ILE B 369 3.00 7.59 -29.93
C ILE B 369 2.21 8.77 -29.36
N THR B 370 1.40 8.50 -28.34
CA THR B 370 0.59 9.52 -27.71
C THR B 370 1.45 10.68 -27.19
N TRP B 371 2.39 10.36 -26.32
CA TRP B 371 3.21 11.39 -25.69
C TRP B 371 4.19 12.02 -26.67
N GLY B 372 4.48 11.29 -27.76
CA GLY B 372 5.27 11.85 -28.85
C GLY B 372 4.53 12.99 -29.52
N LEU B 373 3.34 12.69 -30.06
CA LEU B 373 2.52 13.70 -30.69
C LEU B 373 2.20 14.83 -29.71
N TRP B 374 1.93 14.45 -28.47
CA TRP B 374 1.64 15.41 -27.41
C TRP B 374 2.80 16.38 -27.22
N SER B 375 4.01 15.84 -27.21
CA SER B 375 5.21 16.64 -27.02
C SER B 375 5.36 17.67 -28.13
N ILE B 376 4.88 17.34 -29.32
CA ILE B 376 4.93 18.26 -30.46
C ILE B 376 3.77 19.25 -30.41
N ALA B 377 2.58 18.74 -30.10
CA ALA B 377 1.39 19.57 -30.02
C ALA B 377 1.54 20.66 -28.95
N SER B 386 7.64 29.67 -20.19
CA SER B 386 9.03 29.63 -19.74
C SER B 386 9.27 28.48 -18.76
N VAL B 387 9.69 27.34 -19.28
CA VAL B 387 10.10 26.21 -18.45
C VAL B 387 11.02 25.24 -19.19
N GLU B 388 12.04 24.77 -18.49
CA GLU B 388 13.12 24.00 -19.10
C GLU B 388 12.71 22.60 -19.51
N PHE B 389 12.45 22.42 -20.80
CA PHE B 389 12.18 21.09 -21.34
C PHE B 389 12.28 21.07 -22.87
N ASP B 390 13.04 20.11 -23.38
CA ASP B 390 13.21 19.97 -24.83
C ASP B 390 12.13 19.06 -25.42
N PHE B 391 10.97 19.63 -25.69
CA PHE B 391 9.82 18.87 -26.17
C PHE B 391 10.07 18.17 -27.50
N THR B 392 10.86 18.78 -28.37
CA THR B 392 11.15 18.19 -29.67
C THR B 392 12.05 16.97 -29.55
N GLU B 393 13.09 17.08 -28.72
CA GLU B 393 14.00 15.97 -28.51
C GLU B 393 13.29 14.82 -27.80
N TYR B 394 12.37 15.17 -26.90
CA TYR B 394 11.61 14.15 -26.17
C TYR B 394 10.68 13.39 -27.10
N ALA B 395 10.09 14.09 -28.05
CA ALA B 395 9.22 13.46 -29.03
C ALA B 395 10.01 12.50 -29.90
N ASN B 396 11.17 12.96 -30.37
CA ASN B 396 12.07 12.11 -31.15
C ASN B 396 12.36 10.80 -30.42
N THR B 397 12.50 10.90 -29.10
CA THR B 397 12.82 9.74 -28.28
C THR B 397 11.64 8.76 -28.21
N ARG B 398 10.46 9.28 -27.88
CA ARG B 398 9.27 8.43 -27.79
C ARG B 398 9.01 7.74 -29.12
N PHE B 399 9.17 8.47 -30.22
CA PHE B 399 8.99 7.90 -31.55
C PHE B 399 10.04 6.82 -31.81
N THR B 400 11.31 7.16 -31.60
CA THR B 400 12.39 6.20 -31.71
C THR B 400 12.02 4.91 -30.97
N HIS B 401 11.60 5.06 -29.71
CA HIS B 401 11.28 3.91 -28.88
C HIS B 401 10.07 3.12 -29.36
N TYR B 402 9.15 3.81 -30.04
CA TYR B 402 8.01 3.12 -30.66
C TYR B 402 8.50 2.12 -31.70
N LEU B 403 9.35 2.59 -32.60
CA LEU B 403 9.92 1.74 -33.64
C LEU B 403 10.62 0.54 -33.02
N GLN B 404 11.49 0.82 -32.05
CA GLN B 404 12.27 -0.21 -31.38
C GLN B 404 11.37 -1.23 -30.69
N LYS B 405 10.44 -0.74 -29.88
CA LYS B 405 9.51 -1.62 -29.14
C LYS B 405 8.70 -2.51 -30.09
N LYS B 406 8.24 -1.92 -31.20
CA LYS B 406 7.47 -2.67 -32.18
C LYS B 406 8.27 -3.82 -32.77
N LYS B 407 9.55 -3.60 -33.03
CA LYS B 407 10.43 -4.66 -33.50
C LYS B 407 10.58 -5.76 -32.44
N GLU B 408 10.61 -5.35 -31.18
CA GLU B 408 10.76 -6.30 -30.08
C GLU B 408 9.51 -7.15 -29.91
N LEU B 409 8.35 -6.50 -29.89
CA LEU B 409 7.08 -7.19 -29.78
C LEU B 409 6.92 -8.23 -30.88
N ILE B 410 7.40 -7.89 -32.07
CA ILE B 410 7.36 -8.80 -33.21
C ILE B 410 8.29 -9.99 -32.99
N ASP B 411 9.56 -9.69 -32.72
CA ASP B 411 10.54 -10.74 -32.47
C ASP B 411 10.16 -11.62 -31.29
N GLN B 412 9.36 -11.07 -30.39
CA GLN B 412 8.90 -11.81 -29.21
C GLN B 412 7.61 -12.58 -29.48
N GLY B 413 7.00 -12.33 -30.63
CA GLY B 413 5.80 -13.05 -31.02
C GLY B 413 4.54 -12.48 -30.39
N ILE B 414 4.67 -11.32 -29.74
CA ILE B 414 3.51 -10.66 -29.14
C ILE B 414 2.64 -10.03 -30.22
N LEU B 415 3.27 -9.46 -31.23
CA LEU B 415 2.57 -8.97 -32.41
C LEU B 415 2.76 -9.93 -33.57
N PRO B 416 1.70 -10.16 -34.37
CA PRO B 416 0.39 -9.53 -34.17
C PRO B 416 -0.48 -10.28 -33.18
N LEU B 417 -1.45 -9.58 -32.59
CA LEU B 417 -2.36 -10.17 -31.61
C LEU B 417 -3.02 -11.45 -32.12
N ASN B 418 -3.51 -11.40 -33.35
CA ASN B 418 -4.30 -12.50 -33.89
C ASN B 418 -3.53 -13.80 -34.06
N SER B 419 -2.23 -13.78 -33.79
CA SER B 419 -1.40 -14.97 -33.94
C SER B 419 -1.28 -15.78 -32.65
N TRP B 420 -1.84 -15.27 -31.56
CA TRP B 420 -1.77 -15.99 -30.28
C TRP B 420 -2.98 -15.75 -29.38
N LEU B 421 -3.43 -14.51 -29.29
CA LEU B 421 -4.51 -14.13 -28.38
C LEU B 421 -5.71 -15.07 -28.45
N PHE B 422 -6.06 -15.52 -29.65
CA PHE B 422 -7.26 -16.32 -29.84
C PHE B 422 -6.99 -17.82 -29.85
N ASN B 423 -5.74 -18.20 -29.58
CA ASN B 423 -5.35 -19.61 -29.58
C ASN B 423 -5.24 -20.14 -28.15
#